data_4NQI
#
_entry.id   4NQI
#
_cell.length_a   59.100
_cell.length_b   60.210
_cell.length_c   147.620
_cell.angle_alpha   90.00
_cell.angle_beta   100.38
_cell.angle_gamma   90.00
#
_symmetry.space_group_name_H-M   'P 1 21 1'
#
loop_
_entity.id
_entity.type
_entity.pdbx_description
1 polymer 'SH3 domain-containing protein'
2 non-polymer DI(HYDROXYETHYL)ETHER
3 non-polymer 'ACETATE ION'
4 water water
#
_entity_poly.entity_id   1
_entity_poly.type   'polypeptide(L)'
_entity_poly.pdbx_seq_one_letter_code
;GPLGS(MSE)SNAKKQQNPVIEITLKTINNLKVNSPPLFTEVIKAANKYQQQAQALSQAGLVLADTLTRLTIHNGGDFGE
GFKKLADAIKDLENRRDDVAKVLLNEFITPNKQAIEDDQKAIATFEKNYKKDRDQ(MSE)RQDILKLEAKTRKAGKKTTP
EVLKQQITELNDKIKESEQLNANKLRDVVL(MSE)ERRKHATFLSQFNQFLEKEIELSADT(MSE)SKFSTNLNTHRDLI
NSQSQLPLE(MSE)ES(MSE)ISKQERTLVQIQPQGDTGSDAYRISYA
;
_entity_poly.pdbx_strand_id   A,B,C,D
#
loop_
_chem_comp.id
_chem_comp.type
_chem_comp.name
_chem_comp.formula
ACT non-polymer 'ACETATE ION' 'C2 H3 O2 -1'
PEG non-polymer DI(HYDROXYETHYL)ETHER 'C4 H10 O3'
#
# COMPACT_ATOMS: atom_id res chain seq x y z
N ASN A 14 -24.75 -17.25 -11.48
CA ASN A 14 -24.78 -15.79 -11.42
C ASN A 14 -23.89 -15.26 -10.29
N PRO A 15 -22.63 -14.93 -10.61
CA PRO A 15 -21.67 -14.40 -9.63
C PRO A 15 -22.11 -13.03 -9.09
N VAL A 16 -22.86 -12.26 -9.87
CA VAL A 16 -23.42 -11.00 -9.39
C VAL A 16 -24.40 -11.25 -8.23
N ILE A 17 -25.32 -12.19 -8.44
CA ILE A 17 -26.31 -12.56 -7.43
C ILE A 17 -25.69 -13.21 -6.19
N GLU A 18 -24.81 -14.19 -6.39
CA GLU A 18 -24.23 -14.94 -5.28
C GLU A 18 -23.43 -14.07 -4.32
N ILE A 19 -22.66 -13.12 -4.85
CA ILE A 19 -21.94 -12.15 -4.03
C ILE A 19 -22.93 -11.31 -3.22
N THR A 20 -24.10 -11.01 -3.81
CA THR A 20 -25.14 -10.25 -3.13
C THR A 20 -25.68 -11.00 -1.91
N LEU A 21 -25.97 -12.30 -2.08
CA LEU A 21 -26.45 -13.14 -0.99
C LEU A 21 -25.37 -13.32 0.08
N LYS A 22 -24.13 -13.42 -0.36
CA LYS A 22 -22.98 -13.60 0.53
C LYS A 22 -22.75 -12.36 1.40
N THR A 23 -23.04 -11.19 0.84
CA THR A 23 -22.89 -9.91 1.57
C THR A 23 -24.04 -9.70 2.56
N ILE A 24 -25.25 -10.11 2.17
CA ILE A 24 -26.40 -10.07 3.08
C ILE A 24 -26.13 -10.95 4.30
N ASN A 25 -25.70 -12.18 4.04
CA ASN A 25 -25.37 -13.13 5.12
C ASN A 25 -24.26 -12.62 6.03
N ASN A 26 -23.18 -12.10 5.45
CA ASN A 26 -22.06 -11.58 6.22
C ASN A 26 -22.46 -10.46 7.18
N LEU A 27 -23.27 -9.52 6.68
CA LEU A 27 -23.74 -8.39 7.47
C LEU A 27 -24.77 -8.83 8.51
N LYS A 28 -25.55 -9.85 8.14
CA LYS A 28 -26.63 -10.33 8.99
C LYS A 28 -26.13 -11.30 10.07
N VAL A 29 -25.30 -12.26 9.66
CA VAL A 29 -24.90 -13.36 10.54
C VAL A 29 -23.50 -13.22 11.14
N ASN A 30 -22.49 -13.05 10.29
CA ASN A 30 -21.10 -13.07 10.73
C ASN A 30 -20.63 -11.82 11.48
N SER A 31 -20.92 -10.65 10.91
CA SER A 31 -20.37 -9.38 11.40
C SER A 31 -20.75 -8.95 12.84
N PRO A 32 -22.05 -8.98 13.20
CA PRO A 32 -22.39 -8.48 14.54
C PRO A 32 -21.67 -9.14 15.73
N PRO A 33 -21.51 -10.48 15.73
CA PRO A 33 -20.74 -11.02 16.87
C PRO A 33 -19.24 -10.71 16.80
N LEU A 34 -18.69 -10.58 15.59
CA LEU A 34 -17.28 -10.22 15.43
C LEU A 34 -16.99 -8.81 15.92
N PHE A 35 -17.84 -7.86 15.53
CA PHE A 35 -17.67 -6.47 15.92
C PHE A 35 -18.00 -6.23 17.40
N THR A 36 -18.91 -7.02 17.94
CA THR A 36 -19.26 -6.94 19.36
C THR A 36 -18.08 -7.38 20.23
N GLU A 37 -17.35 -8.39 19.77
CA GLU A 37 -16.17 -8.86 20.49
C GLU A 37 -15.08 -7.80 20.54
N VAL A 38 -14.97 -7.00 19.48
CA VAL A 38 -14.05 -5.87 19.47
C VAL A 38 -14.45 -4.86 20.54
N ILE A 39 -15.75 -4.58 20.62
CA ILE A 39 -16.28 -3.65 21.62
C ILE A 39 -15.95 -4.13 23.04
N LYS A 40 -16.08 -5.44 23.26
CA LYS A 40 -15.79 -6.03 24.56
C LYS A 40 -14.31 -5.92 24.94
N ALA A 41 -13.44 -6.32 24.03
CA ALA A 41 -12.00 -6.27 24.27
C ALA A 41 -11.52 -4.83 24.47
N ALA A 42 -12.17 -3.90 23.77
CA ALA A 42 -11.84 -2.49 23.88
C ALA A 42 -12.29 -1.92 25.22
N ASN A 43 -13.45 -2.37 25.71
CA ASN A 43 -13.93 -1.93 27.02
C ASN A 43 -12.99 -2.38 28.12
N LYS A 44 -12.43 -3.59 27.95
CA LYS A 44 -11.47 -4.14 28.90
C LYS A 44 -10.15 -3.37 28.84
N TYR A 45 -9.74 -3.01 27.63
CA TYR A 45 -8.52 -2.23 27.43
C TYR A 45 -8.64 -0.90 28.15
N GLN A 46 -9.76 -0.22 27.93
CA GLN A 46 -10.05 1.08 28.53
C GLN A 46 -10.02 1.04 30.06
N GLN A 47 -10.52 -0.04 30.65
CA GLN A 47 -10.53 -0.18 32.10
C GLN A 47 -9.13 -0.40 32.67
N GLN A 48 -8.32 -1.18 31.96
CA GLN A 48 -6.93 -1.40 32.39
C GLN A 48 -6.13 -0.12 32.27
N ALA A 49 -6.48 0.71 31.30
CA ALA A 49 -5.85 2.01 31.10
C ALA A 49 -6.16 2.95 32.28
N GLN A 50 -7.36 2.84 32.83
CA GLN A 50 -7.72 3.63 34.01
C GLN A 50 -6.99 3.13 35.24
N ALA A 51 -6.89 1.81 35.38
CA ALA A 51 -6.17 1.21 36.50
C ALA A 51 -4.70 1.62 36.48
N LEU A 52 -4.08 1.56 35.31
CA LEU A 52 -2.70 2.02 35.14
C LEU A 52 -2.58 3.49 35.50
N SER A 53 -3.55 4.29 35.06
CA SER A 53 -3.57 5.71 35.38
C SER A 53 -3.61 5.96 36.89
N GLN A 54 -4.44 5.21 37.59
CA GLN A 54 -4.59 5.36 39.04
C GLN A 54 -3.33 4.91 39.80
N ALA A 55 -2.71 3.84 39.33
CA ALA A 55 -1.45 3.37 39.92
C ALA A 55 -0.35 4.40 39.71
N GLY A 56 -0.40 5.09 38.57
CA GLY A 56 0.55 6.13 38.26
C GLY A 56 0.45 7.31 39.21
N LEU A 57 -0.79 7.69 39.55
CA LEU A 57 -1.04 8.79 40.47
C LEU A 57 -0.46 8.49 41.86
N VAL A 58 -0.55 7.23 42.27
CA VAL A 58 0.05 6.78 43.52
C VAL A 58 1.56 6.96 43.46
N LEU A 59 2.16 6.52 42.36
CA LEU A 59 3.60 6.61 42.15
C LEU A 59 4.08 8.06 42.22
N ALA A 60 3.36 8.95 41.54
CA ALA A 60 3.66 10.38 41.56
C ALA A 60 3.53 10.95 42.97
N ASP A 61 2.69 10.34 43.80
CA ASP A 61 2.49 10.80 45.17
C ASP A 61 3.67 10.42 46.07
N THR A 62 4.17 9.19 45.91
CA THR A 62 5.32 8.71 46.66
C THR A 62 6.56 9.54 46.35
N LEU A 63 6.65 10.02 45.11
CA LEU A 63 7.75 10.88 44.67
C LEU A 63 7.68 12.26 45.33
N THR A 64 6.49 12.87 45.31
CA THR A 64 6.26 14.15 45.99
C THR A 64 6.65 14.08 47.46
N ARG A 65 6.31 12.96 48.11
CA ARG A 65 6.58 12.79 49.53
C ARG A 65 8.07 12.72 49.87
N LEU A 66 8.91 12.57 48.84
CA LEU A 66 10.36 12.61 49.03
C LEU A 66 10.83 14.04 49.32
N THR A 67 9.97 15.02 49.00
CA THR A 67 10.30 16.43 49.19
C THR A 67 10.21 16.87 50.65
N ILE A 68 9.45 16.12 51.45
CA ILE A 68 9.28 16.42 52.87
C ILE A 68 10.62 16.58 53.59
N HIS A 69 11.50 15.61 53.42
CA HIS A 69 12.78 15.59 54.10
C HIS A 69 13.94 15.94 53.16
N ASN A 70 13.69 15.86 51.86
CA ASN A 70 14.73 16.20 50.89
C ASN A 70 14.38 17.43 50.05
N GLY A 71 15.28 18.42 50.11
CA GLY A 71 15.13 19.64 49.34
C GLY A 71 16.39 19.94 48.55
N GLY A 72 16.70 21.22 48.41
CA GLY A 72 17.80 21.62 47.54
C GLY A 72 17.44 21.29 46.10
N ASP A 73 18.45 21.05 45.28
CA ASP A 73 18.21 20.76 43.87
C ASP A 73 17.53 19.41 43.61
N PHE A 74 17.98 18.36 44.29
CA PHE A 74 17.40 17.03 44.14
C PHE A 74 15.91 17.00 44.52
N GLY A 75 15.56 17.65 45.62
CA GLY A 75 14.18 17.71 46.07
C GLY A 75 13.27 18.34 45.03
N GLU A 76 13.75 19.41 44.41
CA GLU A 76 13.01 20.10 43.37
C GLU A 76 12.97 19.23 42.10
N GLY A 77 13.99 18.40 41.92
CA GLY A 77 14.02 17.45 40.83
C GLY A 77 12.95 16.40 41.00
N PHE A 78 12.82 15.89 42.23
CA PHE A 78 11.79 14.91 42.58
C PHE A 78 10.39 15.49 42.33
N LYS A 79 10.20 16.75 42.70
CA LYS A 79 8.90 17.40 42.56
C LYS A 79 8.49 17.53 41.09
N LYS A 80 9.42 17.95 40.24
CA LYS A 80 9.15 18.10 38.82
C LYS A 80 8.93 16.76 38.13
N LEU A 81 9.52 15.70 38.69
CA LEU A 81 9.31 14.37 38.17
C LEU A 81 7.91 13.88 38.53
N ALA A 82 7.53 14.09 39.79
CA ALA A 82 6.19 13.72 40.26
C ALA A 82 5.11 14.49 39.52
N ASP A 83 5.36 15.78 39.27
CA ASP A 83 4.41 16.63 38.55
C ASP A 83 4.24 16.18 37.10
N ALA A 84 5.34 15.77 36.47
CA ALA A 84 5.32 15.30 35.09
C ALA A 84 4.50 14.02 34.96
N ILE A 85 4.76 13.06 35.85
CA ILE A 85 4.03 11.80 35.87
C ILE A 85 2.54 12.02 36.16
N LYS A 86 2.25 12.99 37.03
CA LYS A 86 0.87 13.29 37.40
C LYS A 86 0.05 13.80 36.22
N ASP A 87 0.59 14.79 35.51
CA ASP A 87 -0.07 15.33 34.31
C ASP A 87 -0.31 14.26 33.25
N LEU A 88 0.69 13.40 33.04
CA LEU A 88 0.63 12.39 31.99
C LEU A 88 -0.37 11.29 32.31
N GLU A 89 -0.41 10.86 33.56
CA GLU A 89 -1.33 9.78 33.94
C GLU A 89 -2.78 10.28 33.97
N ASN A 90 -2.96 11.57 34.19
CA ASN A 90 -4.28 12.18 34.06
C ASN A 90 -4.69 12.25 32.59
N ARG A 91 -3.71 12.45 31.71
CA ARG A 91 -3.99 12.47 30.28
C ARG A 91 -4.27 11.06 29.77
N ARG A 92 -3.66 10.06 30.39
CA ARG A 92 -3.94 8.68 30.02
C ARG A 92 -5.41 8.38 30.31
N ASP A 93 -5.93 8.94 31.39
CA ASP A 93 -7.34 8.75 31.76
C ASP A 93 -8.25 9.39 30.73
N ASP A 94 -7.87 10.57 30.24
CA ASP A 94 -8.61 11.23 29.17
C ASP A 94 -8.69 10.34 27.93
N VAL A 95 -7.56 9.75 27.57
CA VAL A 95 -7.48 8.84 26.42
C VAL A 95 -8.46 7.69 26.56
N ALA A 96 -8.47 7.06 27.73
CA ALA A 96 -9.39 5.95 28.01
C ALA A 96 -10.85 6.38 27.85
N LYS A 97 -11.16 7.62 28.23
CA LYS A 97 -12.52 8.15 28.11
C LYS A 97 -12.91 8.29 26.65
N VAL A 98 -12.01 8.84 25.84
CA VAL A 98 -12.25 9.01 24.40
C VAL A 98 -12.57 7.67 23.75
N LEU A 99 -11.83 6.63 24.11
CA LEU A 99 -12.09 5.30 23.58
C LEU A 99 -13.49 4.83 23.94
N LEU A 100 -13.93 5.14 25.15
CA LEU A 100 -15.26 4.73 25.63
C LEU A 100 -16.39 5.57 25.03
N ASN A 101 -16.27 6.89 25.13
CA ASN A 101 -17.32 7.80 24.69
C ASN A 101 -17.39 7.99 23.16
N GLU A 102 -16.25 7.84 22.49
CA GLU A 102 -16.18 8.10 21.05
C GLU A 102 -16.22 6.84 20.18
N PHE A 103 -15.78 5.71 20.73
CA PHE A 103 -15.80 4.46 19.97
C PHE A 103 -16.74 3.39 20.52
N ILE A 104 -16.48 2.96 21.76
CA ILE A 104 -17.20 1.86 22.38
C ILE A 104 -18.72 2.09 22.41
N THR A 105 -19.14 3.20 23.02
CA THR A 105 -20.56 3.54 23.08
C THR A 105 -21.19 3.83 21.70
N PRO A 106 -20.54 4.67 20.85
CA PRO A 106 -21.14 4.92 19.54
C PRO A 106 -21.19 3.69 18.61
N ASN A 107 -20.17 2.84 18.62
CA ASN A 107 -20.19 1.66 17.74
C ASN A 107 -21.12 0.56 18.23
N LYS A 108 -21.37 0.53 19.55
CA LYS A 108 -22.35 -0.39 20.11
C LYS A 108 -23.72 -0.09 19.50
N GLN A 109 -24.04 1.19 19.39
CA GLN A 109 -25.28 1.62 18.77
C GLN A 109 -25.26 1.38 17.26
N ALA A 110 -24.07 1.53 16.66
CA ALA A 110 -23.90 1.30 15.23
C ALA A 110 -24.23 -0.14 14.83
N ILE A 111 -23.74 -1.10 15.60
CA ILE A 111 -24.01 -2.52 15.38
C ILE A 111 -25.51 -2.81 15.42
N GLU A 112 -26.20 -2.25 16.40
CA GLU A 112 -27.65 -2.38 16.54
C GLU A 112 -28.37 -1.80 15.32
N ASP A 113 -28.00 -0.58 14.94
CA ASP A 113 -28.60 0.09 13.80
C ASP A 113 -28.37 -0.68 12.50
N ASP A 114 -27.14 -1.17 12.31
CA ASP A 114 -26.80 -1.95 11.11
C ASP A 114 -27.59 -3.25 11.04
N GLN A 115 -27.95 -3.80 12.19
CA GLN A 115 -28.77 -5.01 12.22
C GLN A 115 -30.18 -4.75 11.74
N LYS A 116 -30.76 -3.61 12.13
CA LYS A 116 -32.07 -3.19 11.65
C LYS A 116 -32.04 -2.92 10.14
N ALA A 117 -30.93 -2.33 9.70
CA ALA A 117 -30.78 -1.94 8.30
C ALA A 117 -30.75 -3.13 7.35
N ILE A 118 -29.89 -4.10 7.62
CA ILE A 118 -29.80 -5.30 6.79
C ILE A 118 -31.10 -6.13 6.87
N ALA A 119 -31.78 -6.04 8.01
CA ALA A 119 -33.07 -6.71 8.17
C ALA A 119 -34.11 -6.13 7.21
N THR A 120 -34.24 -4.80 7.23
CA THR A 120 -35.14 -4.08 6.33
C THR A 120 -34.75 -4.32 4.88
N PHE A 121 -33.44 -4.31 4.61
CA PHE A 121 -32.96 -4.55 3.26
C PHE A 121 -33.40 -5.92 2.74
N GLU A 122 -33.16 -6.96 3.52
CA GLU A 122 -33.48 -8.31 3.11
C GLU A 122 -34.98 -8.49 2.85
N LYS A 123 -35.80 -7.87 3.70
CA LYS A 123 -37.25 -7.90 3.54
C LYS A 123 -37.65 -7.40 2.15
N ASN A 124 -36.94 -6.39 1.67
CA ASN A 124 -37.22 -5.79 0.37
C ASN A 124 -36.43 -6.47 -0.76
N TYR A 125 -35.31 -7.08 -0.42
CA TYR A 125 -34.55 -7.85 -1.40
C TYR A 125 -35.40 -9.00 -1.93
N LYS A 126 -36.11 -9.67 -1.02
CA LYS A 126 -37.01 -10.77 -1.36
C LYS A 126 -38.26 -10.26 -2.08
N LYS A 127 -38.97 -9.37 -1.40
CA LYS A 127 -40.23 -8.80 -1.87
C LYS A 127 -40.14 -8.29 -3.31
N ASP A 128 -39.03 -7.62 -3.62
CA ASP A 128 -38.82 -7.08 -4.96
C ASP A 128 -38.32 -8.12 -5.96
N ARG A 129 -37.47 -9.04 -5.51
CA ARG A 129 -36.95 -10.09 -6.39
C ARG A 129 -38.03 -11.07 -6.85
N ASP A 130 -38.94 -11.44 -5.93
CA ASP A 130 -40.06 -12.32 -6.26
C ASP A 130 -41.05 -11.66 -7.23
N GLN A 131 -41.53 -10.48 -6.86
CA GLN A 131 -42.51 -9.75 -7.67
C GLN A 131 -42.02 -9.54 -9.10
N MSE A 132 -40.71 -9.45 -9.26
CA MSE A 132 -40.08 -9.37 -10.57
C MSE A 132 -40.30 -10.66 -11.36
O MSE A 132 -40.65 -10.62 -12.54
CB MSE A 132 -38.58 -9.13 -10.41
CG MSE A 132 -37.89 -8.80 -11.71
SE MSE A 132 -38.85 -7.42 -12.69
CE MSE A 132 -37.37 -6.75 -13.74
N ARG A 133 -40.10 -11.79 -10.70
CA ARG A 133 -40.30 -13.10 -11.32
C ARG A 133 -41.76 -13.29 -11.73
N GLN A 134 -42.68 -12.92 -10.84
CA GLN A 134 -44.11 -12.99 -11.15
C GLN A 134 -44.46 -12.13 -12.38
N ASP A 135 -43.74 -11.04 -12.58
CA ASP A 135 -43.94 -10.19 -13.76
C ASP A 135 -43.25 -10.73 -15.02
N ILE A 136 -42.06 -11.31 -14.86
CA ILE A 136 -41.32 -11.84 -16.02
C ILE A 136 -41.97 -13.09 -16.62
N LEU A 137 -42.52 -13.95 -15.76
CA LEU A 137 -43.19 -15.16 -16.24
C LEU A 137 -44.48 -14.81 -16.97
N LYS A 138 -45.28 -13.92 -16.38
CA LYS A 138 -46.55 -13.50 -16.96
C LYS A 138 -46.39 -12.81 -18.31
N LEU A 139 -45.18 -12.36 -18.60
CA LEU A 139 -44.89 -11.66 -19.83
C LEU A 139 -44.39 -12.62 -20.92
N GLU A 140 -43.62 -13.63 -20.53
CA GLU A 140 -43.24 -14.70 -21.45
C GLU A 140 -44.44 -15.63 -21.64
N ALA A 141 -45.28 -15.71 -20.61
CA ALA A 141 -46.54 -16.44 -20.70
C ALA A 141 -47.47 -15.73 -21.67
N LYS A 142 -47.37 -14.41 -21.73
CA LYS A 142 -48.21 -13.60 -22.61
C LYS A 142 -48.03 -13.63 -24.13
N THR A 143 -46.86 -13.20 -24.61
CA THR A 143 -46.52 -13.25 -26.04
C THR A 143 -46.36 -14.66 -26.64
N ARG A 144 -46.40 -15.70 -25.79
CA ARG A 144 -46.54 -17.06 -26.27
C ARG A 144 -47.87 -17.22 -26.99
N LYS A 145 -48.94 -16.80 -26.32
CA LYS A 145 -50.29 -16.85 -26.89
C LYS A 145 -50.66 -15.54 -27.59
N ALA A 146 -49.66 -14.91 -28.22
CA ALA A 146 -49.85 -13.65 -28.93
C ALA A 146 -48.92 -13.60 -30.13
N GLY A 147 -48.24 -14.71 -30.37
CA GLY A 147 -47.53 -14.93 -31.62
C GLY A 147 -48.27 -16.03 -32.35
N LYS A 148 -49.13 -16.72 -31.60
CA LYS A 148 -49.98 -17.79 -32.12
C LYS A 148 -51.20 -17.22 -32.82
N ILE A 159 -42.29 -8.91 -26.41
CA ILE A 159 -41.46 -10.06 -26.77
C ILE A 159 -40.00 -9.64 -26.93
N THR A 160 -39.78 -8.37 -27.29
CA THR A 160 -38.50 -7.73 -27.08
C THR A 160 -38.64 -7.06 -25.72
N GLU A 161 -39.88 -6.75 -25.39
CA GLU A 161 -40.25 -6.31 -24.04
C GLU A 161 -39.89 -7.44 -23.09
N LEU A 162 -39.89 -8.67 -23.61
CA LEU A 162 -39.37 -9.82 -22.89
C LEU A 162 -37.88 -9.64 -22.65
N ASN A 163 -37.14 -9.57 -23.75
CA ASN A 163 -35.71 -9.28 -23.73
C ASN A 163 -35.37 -8.10 -22.81
N ASP A 164 -36.10 -7.01 -23.01
CA ASP A 164 -35.91 -5.79 -22.23
C ASP A 164 -36.21 -5.97 -20.74
N LYS A 165 -37.33 -6.62 -20.43
CA LYS A 165 -37.71 -6.86 -19.04
C LYS A 165 -36.67 -7.75 -18.35
N ILE A 166 -36.11 -8.68 -19.10
CA ILE A 166 -35.05 -9.55 -18.59
C ILE A 166 -33.82 -8.71 -18.23
N LYS A 167 -33.55 -7.68 -19.03
CA LYS A 167 -32.42 -6.79 -18.78
C LYS A 167 -32.73 -5.82 -17.64
N GLU A 168 -34.02 -5.67 -17.33
CA GLU A 168 -34.46 -4.89 -16.18
C GLU A 168 -34.13 -5.63 -14.88
N SER A 169 -34.26 -6.96 -14.90
CA SER A 169 -33.89 -7.80 -13.77
C SER A 169 -32.40 -7.71 -13.48
N GLU A 170 -31.60 -7.76 -14.53
CA GLU A 170 -30.14 -7.69 -14.42
C GLU A 170 -29.70 -6.32 -13.90
N GLN A 171 -30.63 -5.36 -13.93
CA GLN A 171 -30.37 -4.05 -13.35
C GLN A 171 -30.84 -4.00 -11.90
N LEU A 172 -31.97 -4.63 -11.60
CA LEU A 172 -32.45 -4.76 -10.22
C LEU A 172 -31.43 -5.54 -9.39
N ASN A 173 -30.84 -6.56 -9.99
CA ASN A 173 -29.79 -7.34 -9.36
C ASN A 173 -28.55 -6.52 -9.07
N ALA A 174 -27.98 -5.92 -10.12
CA ALA A 174 -26.76 -5.13 -10.02
C ALA A 174 -26.88 -3.95 -9.05
N ASN A 175 -28.04 -3.30 -9.05
CA ASN A 175 -28.31 -2.22 -8.10
C ASN A 175 -28.29 -2.72 -6.66
N LYS A 176 -29.04 -3.79 -6.39
CA LYS A 176 -29.07 -4.40 -5.06
C LYS A 176 -27.68 -4.87 -4.60
N LEU A 177 -26.84 -5.23 -5.56
CA LEU A 177 -25.45 -5.59 -5.23
C LEU A 177 -24.67 -4.36 -4.78
N ARG A 178 -24.74 -3.30 -5.57
CA ARG A 178 -24.11 -2.02 -5.22
C ARG A 178 -24.58 -1.55 -3.85
N ASP A 179 -25.89 -1.60 -3.66
CA ASP A 179 -26.51 -1.13 -2.41
C ASP A 179 -25.93 -1.84 -1.19
N VAL A 180 -25.81 -3.17 -1.27
CA VAL A 180 -25.40 -3.96 -0.12
C VAL A 180 -23.89 -3.93 0.12
N VAL A 181 -23.09 -3.84 -0.93
CA VAL A 181 -21.64 -3.70 -0.77
C VAL A 181 -21.30 -2.33 -0.20
N LEU A 182 -22.07 -1.31 -0.61
CA LEU A 182 -21.89 0.02 -0.07
C LEU A 182 -22.35 0.09 1.39
N MSE A 183 -23.36 -0.70 1.74
CA MSE A 183 -23.79 -0.82 3.13
C MSE A 183 -22.66 -1.34 3.99
O MSE A 183 -22.43 -0.86 5.10
CB MSE A 183 -24.99 -1.76 3.26
CG MSE A 183 -26.33 -1.15 2.88
SE MSE A 183 -27.79 -2.43 3.11
CE MSE A 183 -27.72 -2.62 5.05
N GLU A 184 -21.94 -2.33 3.46
CA GLU A 184 -20.82 -2.94 4.18
C GLU A 184 -19.64 -1.97 4.26
N ARG A 185 -19.41 -1.21 3.19
CA ARG A 185 -18.32 -0.24 3.16
C ARG A 185 -18.57 0.90 4.17
N ARG A 186 -19.79 1.41 4.17
CA ARG A 186 -20.16 2.46 5.13
C ARG A 186 -20.00 1.98 6.56
N LYS A 187 -20.34 0.72 6.82
CA LYS A 187 -20.22 0.13 8.15
C LYS A 187 -18.76 0.10 8.61
N HIS A 188 -17.87 -0.35 7.73
CA HIS A 188 -16.45 -0.44 8.05
C HIS A 188 -15.82 0.94 8.17
N ALA A 189 -16.26 1.89 7.34
CA ALA A 189 -15.77 3.26 7.40
C ALA A 189 -16.12 3.89 8.74
N THR A 190 -17.37 3.76 9.15
CA THR A 190 -17.86 4.27 10.43
C THR A 190 -17.07 3.70 11.61
N PHE A 191 -16.77 2.40 11.53
CA PHE A 191 -15.97 1.73 12.54
C PHE A 191 -14.59 2.37 12.68
N LEU A 192 -13.91 2.54 11.55
CA LEU A 192 -12.58 3.14 11.53
C LEU A 192 -12.61 4.60 11.96
N SER A 193 -13.62 5.33 11.48
CA SER A 193 -13.76 6.74 11.82
C SER A 193 -13.88 6.96 13.32
N GLN A 194 -14.65 6.09 13.97
CA GLN A 194 -14.85 6.18 15.41
C GLN A 194 -13.62 5.74 16.18
N PHE A 195 -12.93 4.71 15.69
CA PHE A 195 -11.72 4.23 16.36
C PHE A 195 -10.60 5.26 16.25
N ASN A 196 -10.57 6.00 15.14
CA ASN A 196 -9.55 7.01 14.90
C ASN A 196 -9.45 8.06 16.00
N GLN A 197 -10.59 8.39 16.62
CA GLN A 197 -10.63 9.37 17.70
C GLN A 197 -9.68 8.98 18.81
N PHE A 198 -9.64 7.69 19.12
CA PHE A 198 -8.76 7.13 20.14
C PHE A 198 -7.29 7.18 19.72
N LEU A 199 -7.02 6.80 18.47
CA LEU A 199 -5.67 6.82 17.92
C LEU A 199 -5.06 8.23 17.98
N GLU A 200 -5.86 9.24 17.62
CA GLU A 200 -5.41 10.62 17.64
C GLU A 200 -5.05 11.06 19.06
N LYS A 201 -5.80 10.59 20.04
CA LYS A 201 -5.54 10.92 21.44
C LYS A 201 -4.33 10.17 22.00
N GLU A 202 -4.08 8.96 21.48
CA GLU A 202 -2.88 8.23 21.82
C GLU A 202 -1.65 8.98 21.30
N ILE A 203 -1.75 9.48 20.07
CA ILE A 203 -0.69 10.27 19.47
C ILE A 203 -0.42 11.54 20.28
N GLU A 204 -1.49 12.21 20.71
CA GLU A 204 -1.36 13.41 21.54
C GLU A 204 -0.68 13.10 22.87
N LEU A 205 -1.08 11.99 23.49
CA LEU A 205 -0.46 11.56 24.75
C LEU A 205 1.01 11.22 24.57
N SER A 206 1.35 10.61 23.43
CA SER A 206 2.72 10.23 23.14
C SER A 206 3.61 11.46 22.94
N ALA A 207 3.07 12.49 22.29
CA ALA A 207 3.80 13.73 22.05
C ALA A 207 4.12 14.45 23.36
N ASP A 208 3.15 14.49 24.28
CA ASP A 208 3.36 15.14 25.56
C ASP A 208 4.33 14.37 26.44
N THR A 209 4.28 13.05 26.34
CA THR A 209 5.18 12.17 27.09
C THR A 209 6.63 12.41 26.67
N MSE A 210 6.86 12.50 25.36
CA MSE A 210 8.19 12.77 24.84
C MSE A 210 8.68 14.13 25.32
O MSE A 210 9.84 14.26 25.72
CB MSE A 210 8.20 12.74 23.31
CG MSE A 210 7.94 11.36 22.69
SE MSE A 210 8.23 11.36 20.76
CE MSE A 210 10.18 11.34 20.75
N SER A 211 7.82 15.13 25.26
CA SER A 211 8.19 16.49 25.63
C SER A 211 8.51 16.62 27.12
N LYS A 212 7.62 16.13 27.97
CA LYS A 212 7.79 16.26 29.41
C LYS A 212 8.95 15.43 29.96
N PHE A 213 9.05 14.17 29.54
CA PHE A 213 10.11 13.29 30.04
C PHE A 213 11.48 13.70 29.52
N SER A 214 11.53 14.30 28.33
CA SER A 214 12.79 14.86 27.82
C SER A 214 13.31 15.96 28.73
N THR A 215 12.41 16.77 29.26
CA THR A 215 12.76 17.83 30.21
C THR A 215 13.27 17.25 31.52
N ASN A 216 12.60 16.20 31.99
CA ASN A 216 13.02 15.51 33.22
C ASN A 216 14.43 14.91 33.09
N LEU A 217 14.70 14.25 31.96
CA LEU A 217 16.03 13.69 31.71
C LEU A 217 17.13 14.75 31.74
N ASN A 218 16.86 15.92 31.18
CA ASN A 218 17.82 17.01 31.20
C ASN A 218 18.10 17.52 32.62
N THR A 219 17.04 17.64 33.43
CA THR A 219 17.19 18.01 34.84
C THR A 219 18.00 16.96 35.60
N HIS A 220 17.77 15.69 35.29
CA HIS A 220 18.46 14.60 35.97
C HIS A 220 19.95 14.55 35.60
N ARG A 221 20.26 14.85 34.35
CA ARG A 221 21.65 14.87 33.87
C ARG A 221 22.48 15.88 34.66
N ASP A 222 21.92 17.07 34.86
CA ASP A 222 22.57 18.12 35.65
C ASP A 222 22.82 17.67 37.08
N LEU A 223 21.77 17.12 37.70
CA LEU A 223 21.85 16.64 39.09
C LEU A 223 22.87 15.52 39.26
N ILE A 224 22.79 14.52 38.38
CA ILE A 224 23.71 13.40 38.40
C ILE A 224 25.16 13.86 38.21
N ASN A 225 25.38 14.78 37.28
CA ASN A 225 26.71 15.32 37.02
C ASN A 225 27.30 16.14 38.18
N SER A 226 26.45 16.54 39.13
CA SER A 226 26.89 17.38 40.24
C SER A 226 26.78 16.69 41.60
N GLN A 227 26.68 15.36 41.59
CA GLN A 227 26.57 14.58 42.83
C GLN A 227 27.82 14.68 43.70
N SER A 228 28.98 14.86 43.06
CA SER A 228 30.24 14.96 43.79
C SER A 228 30.64 16.41 44.05
N GLN A 229 29.69 17.32 43.92
CA GLN A 229 29.94 18.73 44.19
C GLN A 229 29.18 19.22 45.43
N LEU A 230 29.94 19.67 46.43
CA LEU A 230 29.33 20.21 47.64
C LEU A 230 28.75 21.59 47.35
N PRO A 231 27.48 21.80 47.71
CA PRO A 231 26.80 23.09 47.53
C PRO A 231 27.54 24.24 48.21
N LEU A 232 27.52 25.43 47.59
CA LEU A 232 28.18 26.61 48.13
C LEU A 232 27.71 26.93 49.55
N GLU A 233 26.43 26.70 49.82
CA GLU A 233 25.86 26.97 51.14
C GLU A 233 26.53 26.13 52.23
N MSE A 234 27.02 24.95 51.85
CA MSE A 234 27.75 24.09 52.77
C MSE A 234 29.18 24.60 52.94
O MSE A 234 29.67 24.73 54.06
CB MSE A 234 27.77 22.66 52.25
CG MSE A 234 26.40 22.00 52.11
SE MSE A 234 25.72 21.20 53.76
CE MSE A 234 24.95 22.77 54.61
N GLU A 235 29.84 24.90 51.82
CA GLU A 235 31.20 25.41 51.82
C GLU A 235 31.35 26.72 52.60
N SER A 236 30.33 27.57 52.51
CA SER A 236 30.30 28.84 53.20
C SER A 236 29.99 28.68 54.69
N MSE A 237 29.18 27.68 55.02
CA MSE A 237 28.88 27.37 56.42
C MSE A 237 30.12 26.86 57.15
O MSE A 237 30.37 27.23 58.30
CB MSE A 237 27.75 26.35 56.51
CG MSE A 237 27.62 25.69 57.88
SE MSE A 237 26.38 24.17 57.93
CE MSE A 237 24.69 25.15 57.92
N ILE A 238 30.89 26.00 56.48
CA ILE A 238 32.15 25.50 57.01
C ILE A 238 33.10 26.66 57.33
N SER A 239 33.28 27.54 56.35
CA SER A 239 34.17 28.69 56.51
C SER A 239 33.73 29.64 57.62
N LYS A 240 32.42 29.76 57.81
CA LYS A 240 31.89 30.64 58.84
C LYS A 240 32.17 30.10 60.25
N GLN A 241 32.38 28.79 60.35
CA GLN A 241 32.66 28.16 61.64
C GLN A 241 34.11 28.40 62.08
N GLU A 242 34.99 28.61 61.11
CA GLU A 242 36.40 28.87 61.41
C GLU A 242 36.61 30.26 62.00
N ARG A 243 35.60 31.12 61.88
CA ARG A 243 35.68 32.47 62.41
C ARG A 243 34.81 32.64 63.64
N ASN B 14 26.82 24.18 67.49
CA ASN B 14 27.67 24.12 66.29
C ASN B 14 26.88 23.66 65.06
N PRO B 15 26.77 24.55 64.06
CA PRO B 15 26.07 24.33 62.79
C PRO B 15 26.63 23.17 61.96
N VAL B 16 27.95 23.07 61.81
CA VAL B 16 28.58 21.98 61.06
C VAL B 16 28.16 20.61 61.60
N ILE B 17 28.27 20.45 62.92
CA ILE B 17 27.86 19.23 63.61
C ILE B 17 26.35 18.99 63.51
N GLU B 18 25.57 20.07 63.60
CA GLU B 18 24.10 19.96 63.52
C GLU B 18 23.61 19.41 62.19
N ILE B 19 24.16 19.89 61.08
CA ILE B 19 23.74 19.43 59.76
C ILE B 19 24.22 17.99 59.51
N THR B 20 25.43 17.69 59.97
CA THR B 20 25.98 16.33 59.86
C THR B 20 25.04 15.34 60.54
N LEU B 21 24.65 15.67 61.77
CA LEU B 21 23.69 14.87 62.53
C LEU B 21 22.34 14.80 61.83
N LYS B 22 21.89 15.92 61.26
CA LYS B 22 20.61 15.97 60.57
C LYS B 22 20.62 15.14 59.29
N THR B 23 21.72 15.19 58.56
CA THR B 23 21.88 14.42 57.33
C THR B 23 21.97 12.93 57.64
N ILE B 24 22.65 12.59 58.73
CA ILE B 24 22.76 11.21 59.20
C ILE B 24 21.38 10.67 59.59
N ASN B 25 20.61 11.45 60.34
CA ASN B 25 19.26 11.06 60.72
C ASN B 25 18.37 10.83 59.50
N ASN B 26 18.49 11.69 58.50
CA ASN B 26 17.70 11.58 57.28
C ASN B 26 17.94 10.28 56.53
N LEU B 27 19.21 9.89 56.41
CA LEU B 27 19.59 8.70 55.65
C LEU B 27 19.33 7.40 56.39
N LYS B 28 19.36 7.45 57.72
CA LYS B 28 19.16 6.28 58.55
C LYS B 28 17.68 6.08 58.91
N VAL B 29 16.99 7.17 59.20
CA VAL B 29 15.62 7.13 59.68
C VAL B 29 14.57 7.51 58.63
N ASN B 30 14.66 8.73 58.11
CA ASN B 30 13.63 9.26 57.22
C ASN B 30 13.61 8.65 55.81
N SER B 31 14.78 8.45 55.22
CA SER B 31 14.88 8.01 53.82
C SER B 31 14.45 6.57 53.49
N PRO B 32 15.01 5.56 54.19
CA PRO B 32 14.67 4.18 53.80
C PRO B 32 13.18 3.83 53.66
N PRO B 33 12.30 4.31 54.57
CA PRO B 33 10.89 3.99 54.33
C PRO B 33 10.28 4.75 53.14
N LEU B 34 10.65 6.02 52.96
CA LEU B 34 10.09 6.84 51.89
C LEU B 34 10.45 6.31 50.49
N PHE B 35 11.72 5.97 50.29
CA PHE B 35 12.15 5.43 49.00
C PHE B 35 11.57 4.04 48.76
N THR B 36 11.27 3.31 49.84
CA THR B 36 10.69 1.97 49.73
C THR B 36 9.22 2.05 49.29
N GLU B 37 8.55 3.14 49.65
CA GLU B 37 7.19 3.39 49.19
C GLU B 37 7.16 3.61 47.68
N VAL B 38 8.16 4.34 47.17
CA VAL B 38 8.31 4.57 45.74
C VAL B 38 8.47 3.25 44.98
N ILE B 39 9.24 2.32 45.58
CA ILE B 39 9.45 1.00 45.01
C ILE B 39 8.13 0.22 44.92
N LYS B 40 7.42 0.13 46.05
CA LYS B 40 6.11 -0.52 46.10
C LYS B 40 5.17 0.06 45.08
N ALA B 41 5.13 1.39 45.03
CA ALA B 41 4.27 2.11 44.08
C ALA B 41 4.67 1.80 42.64
N ALA B 42 5.98 1.80 42.38
CA ALA B 42 6.48 1.49 41.04
C ALA B 42 6.21 0.03 40.65
N ASN B 43 6.28 -0.86 41.64
CA ASN B 43 6.03 -2.28 41.40
C ASN B 43 4.59 -2.54 40.95
N LYS B 44 3.65 -1.84 41.59
CA LYS B 44 2.24 -1.91 41.25
C LYS B 44 1.97 -1.33 39.86
N TYR B 45 2.61 -0.20 39.57
CA TYR B 45 2.48 0.46 38.27
C TYR B 45 2.94 -0.48 37.16
N GLN B 46 4.05 -1.16 37.39
CA GLN B 46 4.59 -2.12 36.43
C GLN B 46 3.60 -3.25 36.16
N GLN B 47 2.99 -3.78 37.22
CA GLN B 47 2.02 -4.86 37.11
C GLN B 47 0.80 -4.43 36.29
N GLN B 48 0.31 -3.22 36.54
CA GLN B 48 -0.83 -2.70 35.79
C GLN B 48 -0.49 -2.47 34.31
N ALA B 49 0.77 -2.12 34.05
CA ALA B 49 1.25 -1.92 32.68
C ALA B 49 1.20 -3.23 31.89
N GLN B 50 1.65 -4.31 32.53
CA GLN B 50 1.59 -5.64 31.92
C GLN B 50 0.13 -6.03 31.65
N ALA B 51 -0.75 -5.70 32.59
CA ALA B 51 -2.16 -6.00 32.46
C ALA B 51 -2.76 -5.30 31.25
N LEU B 52 -2.46 -4.01 31.11
CA LEU B 52 -2.88 -3.24 29.95
C LEU B 52 -2.30 -3.82 28.66
N SER B 53 -1.06 -4.29 28.74
CA SER B 53 -0.40 -4.92 27.59
C SER B 53 -1.17 -6.15 27.09
N GLN B 54 -1.52 -7.04 28.02
CA GLN B 54 -2.25 -8.25 27.69
C GLN B 54 -3.67 -7.97 27.19
N ALA B 55 -4.31 -6.96 27.79
CA ALA B 55 -5.63 -6.52 27.31
C ALA B 55 -5.52 -5.95 25.91
N GLY B 56 -4.36 -5.36 25.60
CA GLY B 56 -4.10 -4.85 24.27
C GLY B 56 -3.99 -5.95 23.22
N LEU B 57 -3.38 -7.07 23.60
CA LEU B 57 -3.17 -8.20 22.69
C LEU B 57 -4.49 -8.88 22.33
N VAL B 58 -5.38 -9.04 23.32
CA VAL B 58 -6.71 -9.58 23.09
C VAL B 58 -7.44 -8.70 22.08
N LEU B 59 -7.37 -7.39 22.30
CA LEU B 59 -7.99 -6.42 21.38
C LEU B 59 -7.42 -6.57 19.97
N ALA B 60 -6.11 -6.71 19.86
CA ALA B 60 -5.46 -6.94 18.57
C ALA B 60 -6.01 -8.20 17.89
N ASP B 61 -6.22 -9.26 18.66
CA ASP B 61 -6.71 -10.53 18.12
C ASP B 61 -8.14 -10.42 17.59
N THR B 62 -8.98 -9.66 18.30
CA THR B 62 -10.36 -9.45 17.86
C THR B 62 -10.41 -8.69 16.53
N LEU B 63 -9.44 -7.80 16.33
CA LEU B 63 -9.34 -7.05 15.08
C LEU B 63 -8.88 -7.95 13.94
N THR B 64 -7.96 -8.85 14.24
CA THR B 64 -7.49 -9.84 13.27
C THR B 64 -8.63 -10.74 12.82
N ARG B 65 -9.50 -11.11 13.77
CA ARG B 65 -10.62 -12.00 13.47
C ARG B 65 -11.67 -11.38 12.55
N LEU B 66 -11.62 -10.05 12.39
CA LEU B 66 -12.49 -9.38 11.43
C LEU B 66 -12.18 -9.84 10.01
N THR B 67 -10.91 -10.18 9.79
CA THR B 67 -10.42 -10.56 8.47
C THR B 67 -10.79 -11.99 8.08
N ILE B 68 -11.50 -12.68 8.97
CA ILE B 68 -11.98 -14.03 8.66
C ILE B 68 -13.03 -13.95 7.54
N HIS B 69 -13.94 -12.98 7.65
CA HIS B 69 -15.05 -12.85 6.70
C HIS B 69 -14.99 -11.55 5.91
N ASN B 70 -14.07 -10.66 6.28
CA ASN B 70 -13.94 -9.37 5.59
C ASN B 70 -12.57 -9.20 4.93
N GLY B 71 -12.54 -9.31 3.60
CA GLY B 71 -11.33 -9.12 2.83
C GLY B 71 -11.30 -7.74 2.19
N GLY B 72 -10.65 -7.63 1.04
CA GLY B 72 -10.55 -6.36 0.35
C GLY B 72 -9.63 -5.38 1.06
N ASP B 73 -9.74 -4.11 0.70
CA ASP B 73 -8.90 -3.07 1.29
C ASP B 73 -9.21 -2.82 2.77
N PHE B 74 -10.50 -2.86 3.13
CA PHE B 74 -10.88 -2.71 4.53
C PHE B 74 -10.27 -3.85 5.36
N GLY B 75 -10.38 -5.07 4.83
CA GLY B 75 -9.74 -6.23 5.44
C GLY B 75 -8.24 -6.02 5.64
N GLU B 76 -7.60 -5.38 4.66
CA GLU B 76 -6.19 -5.04 4.78
C GLU B 76 -5.98 -4.02 5.90
N GLY B 77 -6.88 -3.06 6.02
CA GLY B 77 -6.79 -2.04 7.04
C GLY B 77 -6.92 -2.61 8.46
N PHE B 78 -7.88 -3.51 8.63
CA PHE B 78 -8.10 -4.17 9.92
C PHE B 78 -6.85 -4.93 10.37
N LYS B 79 -6.27 -5.69 9.45
CA LYS B 79 -5.06 -6.47 9.74
C LYS B 79 -3.91 -5.57 10.13
N LYS B 80 -3.79 -4.45 9.42
CA LYS B 80 -2.70 -3.51 9.64
C LYS B 80 -2.87 -2.82 11.00
N LEU B 81 -4.11 -2.53 11.37
CA LEU B 81 -4.40 -1.94 12.67
C LEU B 81 -4.08 -2.93 13.78
N ALA B 82 -4.45 -4.19 13.57
CA ALA B 82 -4.18 -5.27 14.53
C ALA B 82 -2.69 -5.44 14.79
N ASP B 83 -1.91 -5.50 13.71
CA ASP B 83 -0.45 -5.67 13.81
C ASP B 83 0.21 -4.52 14.56
N ALA B 84 -0.29 -3.30 14.33
CA ALA B 84 0.27 -2.12 14.97
C ALA B 84 0.03 -2.15 16.49
N ILE B 85 -1.21 -2.43 16.88
CA ILE B 85 -1.56 -2.51 18.29
C ILE B 85 -0.81 -3.65 18.98
N LYS B 86 -0.68 -4.78 18.30
CA LYS B 86 0.07 -5.91 18.86
C LYS B 86 1.53 -5.53 19.13
N ASP B 87 2.19 -4.99 18.11
CA ASP B 87 3.59 -4.59 18.24
C ASP B 87 3.80 -3.55 19.34
N LEU B 88 2.91 -2.58 19.44
CA LEU B 88 3.01 -1.55 20.47
C LEU B 88 2.76 -2.10 21.88
N GLU B 89 1.81 -3.01 22.02
CA GLU B 89 1.51 -3.59 23.33
C GLU B 89 2.61 -4.54 23.80
N ASN B 90 3.26 -5.22 22.85
CA ASN B 90 4.43 -6.02 23.16
C ASN B 90 5.56 -5.14 23.70
N ARG B 91 5.72 -3.96 23.11
CA ARG B 91 6.78 -3.03 23.53
C ARG B 91 6.45 -2.34 24.86
N ARG B 92 5.16 -2.20 25.17
CA ARG B 92 4.77 -1.66 26.46
C ARG B 92 5.17 -2.64 27.55
N ASP B 93 5.02 -3.93 27.26
CA ASP B 93 5.43 -4.97 28.18
C ASP B 93 6.93 -4.88 28.47
N ASP B 94 7.72 -4.67 27.41
CA ASP B 94 9.16 -4.51 27.55
C ASP B 94 9.51 -3.29 28.40
N VAL B 95 8.71 -2.23 28.27
CA VAL B 95 8.87 -1.03 29.09
C VAL B 95 8.65 -1.37 30.56
N ALA B 96 7.61 -2.13 30.86
CA ALA B 96 7.33 -2.56 32.23
C ALA B 96 8.48 -3.38 32.80
N LYS B 97 9.05 -4.26 31.97
CA LYS B 97 10.18 -5.10 32.37
C LYS B 97 11.41 -4.27 32.73
N VAL B 98 11.63 -3.19 31.97
CA VAL B 98 12.75 -2.28 32.23
C VAL B 98 12.60 -1.59 33.59
N LEU B 99 11.40 -1.10 33.88
CA LEU B 99 11.11 -0.49 35.17
C LEU B 99 11.37 -1.47 36.31
N LEU B 100 11.07 -2.75 36.07
CA LEU B 100 11.27 -3.80 37.06
C LEU B 100 12.75 -4.17 37.19
N ASN B 101 13.42 -4.37 36.06
CA ASN B 101 14.80 -4.86 36.04
C ASN B 101 15.85 -3.76 36.26
N GLU B 102 15.55 -2.56 35.79
CA GLU B 102 16.53 -1.46 35.81
C GLU B 102 16.33 -0.48 36.95
N PHE B 103 15.13 -0.46 37.54
CA PHE B 103 14.86 0.42 38.69
C PHE B 103 14.47 -0.32 39.97
N ILE B 104 13.32 -1.00 39.93
CA ILE B 104 12.73 -1.61 41.13
C ILE B 104 13.68 -2.53 41.88
N THR B 105 14.17 -3.58 41.22
CA THR B 105 15.09 -4.53 41.85
C THR B 105 16.46 -3.91 42.23
N PRO B 106 17.09 -3.14 41.32
CA PRO B 106 18.38 -2.56 41.71
C PRO B 106 18.30 -1.49 42.80
N ASN B 107 17.22 -0.73 42.87
CA ASN B 107 17.10 0.31 43.90
C ASN B 107 16.67 -0.27 45.25
N LYS B 108 15.92 -1.36 45.21
CA LYS B 108 15.55 -2.10 46.41
C LYS B 108 16.82 -2.56 47.13
N GLN B 109 17.75 -3.10 46.34
CA GLN B 109 19.04 -3.55 46.87
C GLN B 109 19.86 -2.36 47.38
N ALA B 110 19.80 -1.25 46.64
CA ALA B 110 20.55 -0.05 46.98
C ALA B 110 20.07 0.58 48.29
N ILE B 111 18.76 0.54 48.53
CA ILE B 111 18.16 1.06 49.76
C ILE B 111 18.75 0.36 50.99
N GLU B 112 18.91 -0.96 50.89
CA GLU B 112 19.46 -1.75 51.98
C GLU B 112 20.98 -1.59 52.13
N ASP B 113 21.69 -1.56 51.00
CA ASP B 113 23.12 -1.30 50.98
C ASP B 113 23.46 0.05 51.62
N ASP B 114 22.70 1.08 51.26
CA ASP B 114 22.89 2.42 51.82
C ASP B 114 22.59 2.47 53.31
N GLN B 115 21.56 1.73 53.72
CA GLN B 115 21.13 1.68 55.11
C GLN B 115 22.25 1.11 55.99
N LYS B 116 23.02 0.19 55.43
CA LYS B 116 24.16 -0.40 56.14
C LYS B 116 25.36 0.55 56.10
N ALA B 117 25.52 1.26 54.99
CA ALA B 117 26.63 2.20 54.84
C ALA B 117 26.55 3.38 55.81
N ILE B 118 25.34 3.88 56.05
CA ILE B 118 25.14 4.99 56.98
C ILE B 118 25.33 4.55 58.44
N ALA B 119 25.04 3.28 58.72
CA ALA B 119 25.30 2.71 60.03
C ALA B 119 26.79 2.80 60.33
N THR B 120 27.60 2.37 59.36
CA THR B 120 29.06 2.36 59.50
C THR B 120 29.62 3.77 59.68
N PHE B 121 29.16 4.70 58.86
CA PHE B 121 29.63 6.09 58.93
C PHE B 121 29.31 6.70 60.29
N GLU B 122 28.14 6.38 60.83
CA GLU B 122 27.72 6.90 62.12
C GLU B 122 28.61 6.35 63.24
N LYS B 123 28.91 5.05 63.15
CA LYS B 123 29.79 4.40 64.12
C LYS B 123 31.14 5.12 64.18
N ASN B 124 31.80 5.21 63.02
CA ASN B 124 33.06 5.92 62.89
C ASN B 124 32.97 7.40 63.26
N TYR B 125 31.77 7.96 63.17
CA TYR B 125 31.57 9.36 63.55
C TYR B 125 31.61 9.51 65.07
N LYS B 126 30.92 8.63 65.78
CA LYS B 126 30.96 8.63 67.25
C LYS B 126 32.37 8.36 67.74
N LYS B 127 33.05 7.43 67.09
CA LYS B 127 34.38 6.98 67.51
C LYS B 127 35.44 8.08 67.32
N ASP B 128 35.52 8.64 66.13
CA ASP B 128 36.49 9.69 65.82
C ASP B 128 36.28 10.93 66.67
N ARG B 129 35.02 11.26 66.93
CA ARG B 129 34.69 12.42 67.75
C ARG B 129 34.99 12.16 69.22
N ASP B 130 34.80 10.91 69.66
CA ASP B 130 35.13 10.52 71.03
C ASP B 130 36.63 10.38 71.22
N GLN B 131 37.32 9.82 70.22
CA GLN B 131 38.77 9.73 70.28
C GLN B 131 39.36 11.14 70.39
N MSE B 132 38.80 12.07 69.64
CA MSE B 132 39.27 13.46 69.66
C MSE B 132 39.02 14.12 71.01
O MSE B 132 39.84 14.91 71.48
CB MSE B 132 38.59 14.26 68.56
CG MSE B 132 39.50 15.24 67.88
SE MSE B 132 40.99 14.30 67.07
CE MSE B 132 41.69 15.73 65.99
N ARG B 133 37.88 13.79 71.62
CA ARG B 133 37.56 14.23 72.97
C ARG B 133 38.68 13.83 73.93
N GLN B 134 39.17 12.61 73.78
CA GLN B 134 40.15 12.04 74.70
C GLN B 134 41.46 12.82 74.76
N ASP B 135 42.28 12.71 73.73
CA ASP B 135 43.59 13.36 73.73
C ASP B 135 43.53 14.90 73.70
N ILE B 136 42.34 15.47 73.86
CA ILE B 136 42.20 16.89 74.14
C ILE B 136 42.11 17.09 75.66
N LEU B 137 41.42 16.17 76.34
CA LEU B 137 41.36 16.17 77.79
C LEU B 137 42.75 15.89 78.39
N LYS B 138 43.47 14.96 77.78
CA LYS B 138 44.76 14.54 78.31
C LYS B 138 45.80 15.61 78.04
N LEU B 139 45.64 16.29 76.91
CA LEU B 139 46.47 17.45 76.58
C LEU B 139 46.05 18.62 77.44
N GLU B 140 44.79 18.62 77.85
CA GLU B 140 44.30 19.59 78.82
C GLU B 140 44.87 19.25 80.19
N ALA B 141 44.76 17.97 80.56
CA ALA B 141 45.22 17.49 81.86
C ALA B 141 46.72 17.17 81.88
N LYS B 142 47.44 17.67 80.89
CA LYS B 142 48.89 17.65 80.88
C LYS B 142 49.33 18.98 81.47
N THR B 143 48.35 19.73 81.98
CA THR B 143 48.55 21.09 82.45
C THR B 143 47.71 21.36 83.70
N THR B 150 56.35 26.01 84.47
CA THR B 150 55.41 27.12 84.41
C THR B 150 56.02 28.34 83.75
N THR B 151 57.31 28.24 83.42
CA THR B 151 57.99 29.30 82.68
C THR B 151 57.28 29.50 81.34
N PRO B 152 57.02 30.76 80.97
CA PRO B 152 56.32 31.16 79.74
C PRO B 152 56.73 30.37 78.49
N GLU B 153 57.93 29.78 78.48
CA GLU B 153 58.35 28.91 77.39
C GLU B 153 57.99 27.45 77.65
N VAL B 154 57.02 27.24 78.53
CA VAL B 154 56.46 25.91 78.79
C VAL B 154 54.94 25.96 78.66
N LEU B 155 54.33 26.96 79.30
CA LEU B 155 52.88 27.18 79.18
C LEU B 155 52.52 27.43 77.71
N LYS B 156 53.43 28.09 77.00
CA LYS B 156 53.22 28.40 75.59
C LYS B 156 53.04 27.15 74.72
N GLN B 157 54.07 26.31 74.64
CA GLN B 157 53.99 25.11 73.81
C GLN B 157 52.91 24.13 74.31
N GLN B 158 52.39 24.38 75.51
CA GLN B 158 51.21 23.69 76.01
C GLN B 158 49.94 24.34 75.46
N ILE B 159 50.04 25.63 75.11
CA ILE B 159 48.90 26.39 74.59
C ILE B 159 48.75 26.20 73.08
N THR B 160 49.87 26.30 72.36
CA THR B 160 49.86 26.18 70.90
C THR B 160 49.66 24.73 70.47
N GLU B 161 49.72 23.82 71.44
CA GLU B 161 49.52 22.40 71.16
C GLU B 161 48.06 22.02 71.38
N LEU B 162 47.47 22.56 72.45
CA LEU B 162 46.04 22.35 72.70
C LEU B 162 45.23 22.92 71.53
N ASN B 163 45.60 24.13 71.11
CA ASN B 163 44.92 24.79 70.01
C ASN B 163 45.07 24.03 68.68
N ASP B 164 46.23 23.40 68.47
CA ASP B 164 46.46 22.61 67.26
C ASP B 164 45.52 21.42 67.17
N LYS B 165 45.29 20.76 68.31
CA LYS B 165 44.40 19.60 68.35
C LYS B 165 42.94 20.00 68.16
N ILE B 166 42.62 21.25 68.50
CA ILE B 166 41.27 21.79 68.35
C ILE B 166 41.00 22.17 66.89
N LYS B 167 42.03 22.69 66.24
CA LYS B 167 42.00 23.00 64.81
C LYS B 167 42.03 21.70 64.00
N GLU B 168 42.39 20.60 64.67
CA GLU B 168 42.46 19.28 64.06
C GLU B 168 41.10 18.59 64.19
N SER B 169 40.44 18.81 65.33
CA SER B 169 39.09 18.31 65.58
C SER B 169 38.07 19.04 64.72
N GLU B 170 38.29 20.33 64.54
CA GLU B 170 37.40 21.17 63.75
C GLU B 170 37.43 20.75 62.28
N GLN B 171 38.60 20.27 61.84
CA GLN B 171 38.77 19.85 60.47
C GLN B 171 38.17 18.47 60.24
N LEU B 172 37.98 17.73 61.33
CA LEU B 172 37.31 16.44 61.28
C LEU B 172 35.80 16.63 61.11
N ASN B 173 35.23 17.58 61.86
CA ASN B 173 33.81 17.88 61.75
C ASN B 173 33.40 18.30 60.35
N ALA B 174 34.21 19.16 59.73
CA ALA B 174 33.95 19.66 58.38
C ALA B 174 34.14 18.57 57.32
N ASN B 175 35.15 17.73 57.51
CA ASN B 175 35.38 16.59 56.62
C ASN B 175 34.21 15.59 56.67
N LYS B 176 33.72 15.35 57.88
CA LYS B 176 32.60 14.43 58.09
C LYS B 176 31.29 15.00 57.55
N LEU B 177 31.20 16.33 57.49
CA LEU B 177 30.02 16.98 56.91
C LEU B 177 29.98 16.78 55.40
N ARG B 178 31.11 17.03 54.75
CA ARG B 178 31.26 16.77 53.32
C ARG B 178 30.93 15.32 53.01
N ASP B 179 31.55 14.41 53.77
CA ASP B 179 31.41 12.98 53.55
C ASP B 179 29.96 12.52 53.53
N VAL B 180 29.15 13.04 54.45
CA VAL B 180 27.76 12.61 54.57
C VAL B 180 26.83 13.32 53.57
N VAL B 181 27.06 14.61 53.32
CA VAL B 181 26.27 15.36 52.34
C VAL B 181 26.46 14.75 50.95
N LEU B 182 27.69 14.31 50.67
CA LEU B 182 28.00 13.67 49.40
C LEU B 182 27.46 12.24 49.34
N MSE B 183 27.32 11.59 50.50
CA MSE B 183 26.68 10.29 50.56
C MSE B 183 25.21 10.39 50.16
O MSE B 183 24.66 9.47 49.54
CB MSE B 183 26.79 9.69 51.97
CG MSE B 183 28.09 8.94 52.24
SE MSE B 183 28.16 8.24 54.07
CE MSE B 183 26.41 7.41 54.12
N GLU B 184 24.58 11.50 50.50
CA GLU B 184 23.17 11.72 50.21
C GLU B 184 22.95 12.07 48.74
N ARG B 185 23.84 12.90 48.19
CA ARG B 185 23.74 13.28 46.78
C ARG B 185 24.00 12.08 45.86
N ARG B 186 24.90 11.19 46.29
CA ARG B 186 25.21 10.00 45.52
C ARG B 186 24.07 8.99 45.57
N LYS B 187 23.34 8.97 46.69
CA LYS B 187 22.15 8.13 46.80
C LYS B 187 21.05 8.61 45.86
N HIS B 188 20.82 9.92 45.85
CA HIS B 188 19.76 10.52 45.05
C HIS B 188 20.08 10.44 43.55
N ALA B 189 21.34 10.64 43.19
CA ALA B 189 21.76 10.57 41.79
C ALA B 189 21.59 9.16 41.22
N THR B 190 21.92 8.15 42.02
CA THR B 190 21.74 6.75 41.65
C THR B 190 20.25 6.44 41.46
N PHE B 191 19.42 7.02 42.31
CA PHE B 191 17.97 6.86 42.23
C PHE B 191 17.45 7.37 40.88
N LEU B 192 17.83 8.59 40.54
CA LEU B 192 17.43 9.20 39.28
C LEU B 192 18.03 8.46 38.08
N SER B 193 19.31 8.10 38.20
CA SER B 193 20.01 7.39 37.12
C SER B 193 19.34 6.07 36.78
N GLN B 194 18.80 5.40 37.79
CA GLN B 194 18.08 4.15 37.57
C GLN B 194 16.69 4.39 37.01
N PHE B 195 15.99 5.40 37.54
CA PHE B 195 14.66 5.74 37.05
C PHE B 195 14.71 6.18 35.59
N ASN B 196 15.83 6.80 35.19
CA ASN B 196 16.02 7.26 33.81
C ASN B 196 15.87 6.16 32.76
N GLN B 197 16.20 4.92 33.13
CA GLN B 197 16.10 3.80 32.20
C GLN B 197 14.66 3.59 31.77
N PHE B 198 13.72 3.78 32.70
CA PHE B 198 12.30 3.67 32.42
C PHE B 198 11.82 4.84 31.56
N LEU B 199 12.28 6.04 31.90
CA LEU B 199 11.91 7.26 31.18
C LEU B 199 12.32 7.19 29.71
N GLU B 200 13.57 6.80 29.45
CA GLU B 200 14.08 6.66 28.09
C GLU B 200 13.24 5.69 27.27
N LYS B 201 12.84 4.58 27.88
CA LYS B 201 12.03 3.58 27.20
C LYS B 201 10.60 4.04 26.97
N GLU B 202 10.09 4.86 27.89
CA GLU B 202 8.77 5.46 27.70
C GLU B 202 8.77 6.40 26.50
N ILE B 203 9.82 7.22 26.41
CA ILE B 203 10.01 8.13 25.29
C ILE B 203 10.09 7.36 23.96
N GLU B 204 10.80 6.24 23.98
CA GLU B 204 10.92 5.36 22.82
C GLU B 204 9.56 4.80 22.38
N LEU B 205 8.81 4.25 23.33
CA LEU B 205 7.48 3.71 23.05
C LEU B 205 6.56 4.78 22.47
N SER B 206 6.58 5.96 23.08
CA SER B 206 5.78 7.09 22.60
C SER B 206 6.14 7.44 21.16
N ALA B 207 7.43 7.40 20.85
CA ALA B 207 7.92 7.70 19.51
C ALA B 207 7.48 6.63 18.50
N ASP B 208 7.50 5.37 18.93
CA ASP B 208 7.03 4.27 18.08
C ASP B 208 5.52 4.36 17.86
N THR B 209 4.81 4.82 18.89
CA THR B 209 3.36 4.96 18.82
C THR B 209 2.96 6.02 17.79
N MSE B 210 3.64 7.17 17.85
CA MSE B 210 3.38 8.27 16.90
C MSE B 210 3.67 7.82 15.47
O MSE B 210 2.89 8.09 14.56
CB MSE B 210 4.23 9.49 17.24
CG MSE B 210 3.91 10.12 18.59
SE MSE B 210 5.05 11.66 18.99
CE MSE B 210 4.41 12.88 17.62
N SER B 211 4.79 7.14 15.28
CA SER B 211 5.20 6.66 13.96
C SER B 211 4.19 5.65 13.38
N LYS B 212 3.75 4.71 14.20
CA LYS B 212 2.85 3.65 13.75
C LYS B 212 1.41 4.14 13.51
N PHE B 213 0.82 4.77 14.53
CA PHE B 213 -0.57 5.18 14.46
C PHE B 213 -0.86 6.23 13.38
N SER B 214 0.16 6.99 12.99
CA SER B 214 0.02 7.95 11.89
C SER B 214 -0.18 7.24 10.56
N THR B 215 0.53 6.14 10.37
CA THR B 215 0.40 5.33 9.16
C THR B 215 -1.01 4.72 9.06
N ASN B 216 -1.53 4.23 10.19
CA ASN B 216 -2.89 3.69 10.23
C ASN B 216 -3.93 4.76 9.92
N LEU B 217 -3.77 5.93 10.55
CA LEU B 217 -4.65 7.08 10.29
C LEU B 217 -4.69 7.44 8.82
N ASN B 218 -3.50 7.49 8.19
CA ASN B 218 -3.41 7.75 6.76
C ASN B 218 -4.13 6.69 5.94
N THR B 219 -3.93 5.42 6.30
CA THR B 219 -4.62 4.31 5.62
C THR B 219 -6.13 4.39 5.80
N HIS B 220 -6.57 4.61 7.04
CA HIS B 220 -8.00 4.68 7.35
C HIS B 220 -8.67 5.85 6.63
N ARG B 221 -8.00 7.00 6.60
CA ARG B 221 -8.53 8.19 5.96
C ARG B 221 -8.82 7.95 4.49
N ASP B 222 -7.89 7.29 3.81
CA ASP B 222 -8.08 6.93 2.40
C ASP B 222 -9.22 5.93 2.26
N LEU B 223 -9.32 5.01 3.22
CA LEU B 223 -10.40 4.03 3.26
C LEU B 223 -11.76 4.68 3.49
N ILE B 224 -11.81 5.58 4.47
CA ILE B 224 -13.04 6.31 4.82
C ILE B 224 -13.53 7.18 3.66
N ASN B 225 -12.61 7.90 3.02
CA ASN B 225 -12.95 8.75 1.88
C ASN B 225 -13.41 7.98 0.64
N SER B 226 -13.22 6.66 0.64
CA SER B 226 -13.57 5.83 -0.51
C SER B 226 -14.75 4.90 -0.24
N GLN B 227 -15.54 5.20 0.77
CA GLN B 227 -16.66 4.33 1.16
C GLN B 227 -17.79 4.27 0.14
N SER B 228 -17.90 5.30 -0.70
CA SER B 228 -19.00 5.37 -1.67
C SER B 228 -18.68 4.75 -3.04
N GLN B 229 -17.42 4.38 -3.26
CA GLN B 229 -17.06 3.77 -4.54
C GLN B 229 -16.88 2.27 -4.44
N LEU B 230 -17.48 1.54 -5.38
CA LEU B 230 -17.28 0.11 -5.49
C LEU B 230 -15.85 -0.20 -5.90
N PRO B 231 -15.31 -1.32 -5.39
CA PRO B 231 -14.00 -1.80 -5.87
C PRO B 231 -14.16 -2.14 -7.35
N LEU B 232 -13.12 -1.90 -8.14
CA LEU B 232 -13.21 -2.06 -9.60
C LEU B 232 -13.25 -3.55 -10.02
N GLU B 233 -12.88 -4.45 -9.11
CA GLU B 233 -13.08 -5.87 -9.35
C GLU B 233 -14.55 -6.25 -9.15
N MSE B 234 -15.24 -5.45 -8.35
CA MSE B 234 -16.70 -5.50 -8.28
C MSE B 234 -17.28 -5.09 -9.64
O MSE B 234 -17.95 -5.89 -10.29
CB MSE B 234 -17.26 -4.60 -7.18
CG MSE B 234 -17.26 -5.21 -5.79
SE MSE B 234 -18.73 -6.45 -5.54
CE MSE B 234 -17.83 -8.09 -6.05
N GLU B 235 -17.01 -3.86 -10.05
CA GLU B 235 -17.44 -3.34 -11.36
C GLU B 235 -17.12 -4.30 -12.52
N SER B 236 -15.85 -4.69 -12.63
CA SER B 236 -15.38 -5.60 -13.67
C SER B 236 -16.21 -6.89 -13.76
N MSE B 237 -16.81 -7.28 -12.65
CA MSE B 237 -17.74 -8.41 -12.62
C MSE B 237 -19.08 -8.05 -13.27
O MSE B 237 -19.67 -8.87 -13.96
CB MSE B 237 -17.95 -8.89 -11.18
CG MSE B 237 -19.12 -9.85 -11.01
SE MSE B 237 -19.50 -10.19 -9.12
CE MSE B 237 -17.71 -10.71 -8.57
N ILE B 238 -19.53 -6.82 -13.05
CA ILE B 238 -20.80 -6.35 -13.58
C ILE B 238 -20.79 -6.18 -15.11
N SER B 239 -19.70 -5.61 -15.63
CA SER B 239 -19.53 -5.47 -17.07
C SER B 239 -19.49 -6.84 -17.74
N LYS B 240 -18.68 -7.74 -17.17
CA LYS B 240 -18.51 -9.09 -17.72
C LYS B 240 -19.81 -9.90 -17.81
N GLN B 241 -20.68 -9.75 -16.82
CA GLN B 241 -21.97 -10.45 -16.82
C GLN B 241 -22.81 -10.08 -18.04
N GLU B 242 -23.13 -11.10 -18.84
CA GLU B 242 -23.88 -10.90 -20.08
C GLU B 242 -24.28 -12.25 -20.68
N GLN C 12 30.05 25.76 10.42
CA GLN C 12 29.65 25.32 9.08
C GLN C 12 29.04 23.92 9.09
N GLN C 13 28.54 23.48 7.93
CA GLN C 13 27.76 22.25 7.85
C GLN C 13 28.59 21.00 7.55
N ASN C 14 28.18 19.89 8.15
CA ASN C 14 28.75 18.57 7.84
C ASN C 14 27.89 17.88 6.78
N PRO C 15 28.37 17.89 5.52
CA PRO C 15 27.63 17.38 4.36
C PRO C 15 27.23 15.92 4.51
N VAL C 16 28.06 15.12 5.18
CA VAL C 16 27.78 13.70 5.40
C VAL C 16 26.50 13.50 6.23
N ILE C 17 26.41 14.22 7.35
CA ILE C 17 25.21 14.18 8.18
C ILE C 17 24.01 14.77 7.45
N GLU C 18 24.23 15.82 6.68
CA GLU C 18 23.16 16.50 5.95
C GLU C 18 22.48 15.59 4.90
N ILE C 19 23.28 14.93 4.08
CA ILE C 19 22.75 14.00 3.09
C ILE C 19 22.07 12.78 3.74
N THR C 20 22.64 12.32 4.85
CA THR C 20 22.03 11.23 5.61
C THR C 20 20.61 11.61 6.04
N LEU C 21 20.50 12.78 6.67
CA LEU C 21 19.22 13.32 7.12
C LEU C 21 18.26 13.56 5.96
N LYS C 22 18.81 14.01 4.82
CA LYS C 22 18.00 14.25 3.64
C LYS C 22 17.44 12.95 3.05
N THR C 23 18.27 11.91 3.04
CA THR C 23 17.85 10.61 2.54
C THR C 23 16.81 9.97 3.46
N ILE C 24 16.99 10.15 4.76
CA ILE C 24 16.02 9.65 5.74
C ILE C 24 14.64 10.29 5.51
N ASN C 25 14.62 11.62 5.39
CA ASN C 25 13.38 12.33 5.10
C ASN C 25 12.75 11.89 3.78
N ASN C 26 13.57 11.68 2.76
CA ASN C 26 13.04 11.22 1.47
C ASN C 26 12.36 9.87 1.58
N LEU C 27 13.02 8.93 2.26
CA LEU C 27 12.51 7.58 2.42
C LEU C 27 11.28 7.52 3.33
N LYS C 28 11.23 8.41 4.32
CA LYS C 28 10.15 8.40 5.30
C LYS C 28 8.93 9.22 4.87
N VAL C 29 9.18 10.40 4.28
CA VAL C 29 8.10 11.33 3.98
C VAL C 29 7.68 11.31 2.50
N ASN C 30 8.65 11.46 1.60
CA ASN C 30 8.37 11.63 0.18
C ASN C 30 8.02 10.35 -0.57
N SER C 31 8.82 9.31 -0.38
CA SER C 31 8.71 8.11 -1.22
C SER C 31 7.44 7.26 -1.09
N PRO C 32 6.96 7.00 0.14
CA PRO C 32 5.76 6.14 0.20
C PRO C 32 4.51 6.66 -0.55
N PRO C 33 4.19 7.97 -0.48
CA PRO C 33 3.04 8.41 -1.28
C PRO C 33 3.31 8.38 -2.79
N LEU C 34 4.54 8.64 -3.21
CA LEU C 34 4.88 8.67 -4.63
C LEU C 34 4.80 7.28 -5.27
N PHE C 35 5.35 6.27 -4.58
CA PHE C 35 5.31 4.91 -5.09
C PHE C 35 3.91 4.31 -4.97
N THR C 36 3.12 4.81 -4.02
CA THR C 36 1.73 4.37 -3.88
C THR C 36 0.90 4.87 -5.07
N GLU C 37 1.17 6.10 -5.50
CA GLU C 37 0.48 6.65 -6.67
C GLU C 37 0.74 5.79 -7.91
N VAL C 38 1.95 5.27 -8.03
CA VAL C 38 2.32 4.37 -9.13
C VAL C 38 1.51 3.07 -9.06
N ILE C 39 1.40 2.51 -7.85
CA ILE C 39 0.59 1.32 -7.62
C ILE C 39 -0.85 1.53 -8.10
N LYS C 40 -1.47 2.62 -7.65
CA LYS C 40 -2.86 2.92 -8.02
C LYS C 40 -3.03 3.07 -9.52
N ALA C 41 -2.13 3.81 -10.17
CA ALA C 41 -2.20 4.01 -11.61
C ALA C 41 -2.01 2.69 -12.35
N ALA C 42 -1.09 1.87 -11.87
CA ALA C 42 -0.83 0.56 -12.46
C ALA C 42 -2.05 -0.33 -12.31
N ASN C 43 -2.72 -0.21 -11.17
CA ASN C 43 -3.93 -0.98 -10.97
C ASN C 43 -4.97 -0.62 -12.03
N LYS C 44 -5.14 0.67 -12.30
CA LYS C 44 -6.14 1.13 -13.26
C LYS C 44 -5.81 0.63 -14.66
N TYR C 45 -4.53 0.69 -15.02
CA TYR C 45 -4.05 0.22 -16.32
C TYR C 45 -4.36 -1.25 -16.49
N GLN C 46 -4.09 -2.01 -15.44
CA GLN C 46 -4.31 -3.45 -15.45
C GLN C 46 -5.77 -3.87 -15.75
N GLN C 47 -6.74 -3.15 -15.18
CA GLN C 47 -8.16 -3.46 -15.41
C GLN C 47 -8.58 -3.02 -16.80
N GLN C 48 -8.04 -1.91 -17.26
CA GLN C 48 -8.33 -1.45 -18.61
C GLN C 48 -7.78 -2.46 -19.63
N ALA C 49 -6.65 -3.09 -19.30
CA ALA C 49 -6.09 -4.13 -20.15
C ALA C 49 -7.01 -5.36 -20.17
N GLN C 50 -7.60 -5.68 -19.03
CA GLN C 50 -8.54 -6.80 -18.95
C GLN C 50 -9.81 -6.48 -19.71
N ALA C 51 -10.23 -5.22 -19.67
CA ALA C 51 -11.43 -4.78 -20.39
C ALA C 51 -11.21 -4.87 -21.89
N LEU C 52 -10.01 -4.49 -22.34
CA LEU C 52 -9.67 -4.56 -23.74
C LEU C 52 -9.63 -6.01 -24.22
N SER C 53 -9.10 -6.88 -23.36
CA SER C 53 -9.06 -8.31 -23.64
C SER C 53 -10.47 -8.85 -23.91
N GLN C 54 -11.41 -8.51 -23.03
CA GLN C 54 -12.78 -8.96 -23.16
C GLN C 54 -13.47 -8.44 -24.42
N ALA C 55 -13.24 -7.17 -24.73
CA ALA C 55 -13.73 -6.59 -25.98
C ALA C 55 -13.11 -7.32 -27.18
N GLY C 56 -11.85 -7.71 -27.05
CA GLY C 56 -11.15 -8.43 -28.10
C GLY C 56 -11.74 -9.80 -28.36
N LEU C 57 -12.12 -10.50 -27.29
CA LEU C 57 -12.73 -11.83 -27.40
C LEU C 57 -14.12 -11.78 -28.01
N VAL C 58 -14.80 -10.63 -27.84
CA VAL C 58 -16.10 -10.42 -28.44
C VAL C 58 -15.94 -10.17 -29.94
N LEU C 59 -14.93 -9.38 -30.30
CA LEU C 59 -14.60 -9.15 -31.70
C LEU C 59 -14.28 -10.47 -32.40
N ALA C 60 -13.46 -11.30 -31.77
CA ALA C 60 -13.12 -12.61 -32.31
C ALA C 60 -14.37 -13.47 -32.54
N ASP C 61 -15.35 -13.35 -31.64
CA ASP C 61 -16.57 -14.13 -31.75
C ASP C 61 -17.42 -13.73 -32.96
N THR C 62 -17.51 -12.44 -33.23
CA THR C 62 -18.24 -11.95 -34.39
C THR C 62 -17.60 -12.41 -35.70
N LEU C 63 -16.28 -12.54 -35.69
CA LEU C 63 -15.53 -12.99 -36.87
C LEU C 63 -15.72 -14.48 -37.13
N THR C 64 -15.74 -15.28 -36.06
CA THR C 64 -16.04 -16.71 -36.15
C THR C 64 -17.42 -16.93 -36.78
N ARG C 65 -18.37 -16.07 -36.41
CA ARG C 65 -19.75 -16.25 -36.84
C ARG C 65 -19.98 -15.89 -38.31
N LEU C 66 -18.96 -15.29 -38.93
CA LEU C 66 -18.98 -15.06 -40.38
C LEU C 66 -18.89 -16.41 -41.12
N THR C 67 -18.35 -17.42 -40.44
CA THR C 67 -18.17 -18.74 -41.03
C THR C 67 -19.43 -19.60 -40.99
N ILE C 68 -20.46 -19.12 -40.30
CA ILE C 68 -21.74 -19.82 -40.23
C ILE C 68 -22.33 -20.04 -41.63
N HIS C 69 -22.27 -19.01 -42.46
CA HIS C 69 -22.84 -19.07 -43.80
C HIS C 69 -21.79 -18.87 -44.89
N ASN C 70 -20.53 -18.69 -44.49
CA ASN C 70 -19.46 -18.49 -45.45
C ASN C 70 -18.31 -19.50 -45.27
N GLY C 71 -18.17 -20.40 -46.24
CA GLY C 71 -17.12 -21.40 -46.21
C GLY C 71 -16.07 -21.16 -47.26
N GLY C 72 -15.49 -22.22 -47.80
CA GLY C 72 -14.44 -22.10 -48.79
C GLY C 72 -13.19 -21.43 -48.25
N ASP C 73 -12.43 -20.81 -49.14
CA ASP C 73 -11.17 -20.17 -48.78
C ASP C 73 -11.34 -18.95 -47.88
N PHE C 74 -12.37 -18.15 -48.13
CA PHE C 74 -12.63 -16.97 -47.30
C PHE C 74 -13.06 -17.36 -45.88
N GLY C 75 -13.90 -18.40 -45.78
CA GLY C 75 -14.31 -18.93 -44.49
C GLY C 75 -13.12 -19.34 -43.64
N GLU C 76 -12.15 -20.00 -44.27
CA GLU C 76 -10.94 -20.42 -43.55
C GLU C 76 -10.13 -19.22 -43.08
N GLY C 77 -10.06 -18.17 -43.91
CA GLY C 77 -9.39 -16.95 -43.53
C GLY C 77 -10.01 -16.30 -42.30
N PHE C 78 -11.34 -16.20 -42.28
CA PHE C 78 -12.05 -15.62 -41.15
C PHE C 78 -11.77 -16.42 -39.87
N LYS C 79 -11.89 -17.74 -39.98
CA LYS C 79 -11.64 -18.64 -38.84
C LYS C 79 -10.23 -18.44 -38.28
N LYS C 80 -9.24 -18.39 -39.15
CA LYS C 80 -7.85 -18.21 -38.72
C LYS C 80 -7.62 -16.83 -38.11
N LEU C 81 -8.32 -15.82 -38.64
CA LEU C 81 -8.23 -14.47 -38.10
C LEU C 81 -8.85 -14.43 -36.71
N ALA C 82 -10.02 -15.06 -36.58
CA ALA C 82 -10.71 -15.15 -35.29
C ALA C 82 -9.85 -15.86 -34.24
N ASP C 83 -9.29 -17.01 -34.60
CA ASP C 83 -8.46 -17.80 -33.69
C ASP C 83 -7.23 -17.02 -33.22
N ALA C 84 -6.60 -16.30 -34.14
CA ALA C 84 -5.44 -15.47 -33.82
C ALA C 84 -5.79 -14.37 -32.81
N ILE C 85 -6.85 -13.61 -33.09
CA ILE C 85 -7.28 -12.54 -32.20
C ILE C 85 -7.65 -13.10 -30.82
N LYS C 86 -8.33 -14.24 -30.82
CA LYS C 86 -8.70 -14.91 -29.58
C LYS C 86 -7.48 -15.28 -28.73
N ASP C 87 -6.49 -15.91 -29.35
CA ASP C 87 -5.26 -16.29 -28.65
C ASP C 87 -4.51 -15.09 -28.07
N LEU C 88 -4.45 -14.01 -28.85
CA LEU C 88 -3.72 -12.83 -28.43
C LEU C 88 -4.39 -12.11 -27.26
N GLU C 89 -5.72 -12.08 -27.26
CA GLU C 89 -6.45 -11.37 -26.22
C GLU C 89 -6.49 -12.14 -24.90
N ASN C 90 -6.51 -13.47 -24.98
CA ASN C 90 -6.34 -14.28 -23.79
C ASN C 90 -4.94 -14.08 -23.21
N ARG C 91 -3.97 -13.84 -24.08
CA ARG C 91 -2.61 -13.57 -23.63
C ARG C 91 -2.48 -12.17 -23.03
N ARG C 92 -3.21 -11.21 -23.59
CA ARG C 92 -3.23 -9.87 -22.99
C ARG C 92 -3.75 -9.94 -21.57
N ASP C 93 -4.74 -10.81 -21.34
CA ASP C 93 -5.31 -10.98 -20.01
C ASP C 93 -4.26 -11.55 -19.04
N ASP C 94 -3.42 -12.45 -19.53
CA ASP C 94 -2.32 -12.98 -18.72
C ASP C 94 -1.31 -11.89 -18.38
N VAL C 95 -1.12 -10.94 -19.30
CA VAL C 95 -0.20 -9.83 -19.06
C VAL C 95 -0.70 -8.94 -17.93
N ALA C 96 -1.99 -8.63 -17.94
CA ALA C 96 -2.59 -7.81 -16.89
C ALA C 96 -2.45 -8.48 -15.52
N LYS C 97 -2.56 -9.81 -15.50
CA LYS C 97 -2.43 -10.55 -14.25
C LYS C 97 -1.00 -10.61 -13.71
N VAL C 98 0.00 -10.60 -14.59
CA VAL C 98 1.38 -10.50 -14.16
C VAL C 98 1.64 -9.14 -13.52
N LEU C 99 1.08 -8.08 -14.11
CA LEU C 99 1.20 -6.74 -13.57
C LEU C 99 0.60 -6.66 -12.17
N LEU C 100 -0.52 -7.32 -11.98
CA LEU C 100 -1.20 -7.36 -10.67
C LEU C 100 -0.42 -8.21 -9.67
N ASN C 101 -0.12 -9.45 -10.05
CA ASN C 101 0.47 -10.42 -9.13
C ASN C 101 1.98 -10.29 -8.91
N GLU C 102 2.69 -9.73 -9.89
CA GLU C 102 4.16 -9.70 -9.80
C GLU C 102 4.69 -8.30 -9.55
N PHE C 103 3.85 -7.29 -9.73
CA PHE C 103 4.26 -5.92 -9.42
C PHE C 103 3.39 -5.23 -8.36
N ILE C 104 2.11 -5.06 -8.67
CA ILE C 104 1.20 -4.29 -7.81
C ILE C 104 1.12 -4.86 -6.39
N THR C 105 0.89 -6.16 -6.29
CA THR C 105 0.78 -6.82 -4.99
C THR C 105 2.10 -6.86 -4.19
N PRO C 106 3.22 -7.31 -4.81
CA PRO C 106 4.45 -7.36 -4.02
C PRO C 106 5.02 -5.97 -3.67
N ASN C 107 4.93 -4.99 -4.58
CA ASN C 107 5.50 -3.68 -4.29
C ASN C 107 4.69 -2.91 -3.26
N LYS C 108 3.40 -3.24 -3.15
CA LYS C 108 2.54 -2.68 -2.13
C LYS C 108 3.06 -3.10 -0.77
N GLN C 109 3.38 -4.38 -0.64
CA GLN C 109 3.98 -4.91 0.59
C GLN C 109 5.34 -4.28 0.85
N ALA C 110 6.14 -4.13 -0.21
CA ALA C 110 7.48 -3.55 -0.08
C ALA C 110 7.43 -2.12 0.45
N ILE C 111 6.41 -1.38 0.03
CA ILE C 111 6.23 0.00 0.49
C ILE C 111 5.99 0.04 2.00
N GLU C 112 5.09 -0.81 2.50
CA GLU C 112 4.85 -0.90 3.94
C GLU C 112 6.10 -1.32 4.70
N ASP C 113 6.78 -2.35 4.20
CA ASP C 113 8.00 -2.84 4.84
C ASP C 113 9.11 -1.78 4.87
N ASP C 114 9.22 -0.99 3.80
CA ASP C 114 10.24 0.06 3.74
C ASP C 114 9.96 1.18 4.74
N GLN C 115 8.68 1.42 5.04
CA GLN C 115 8.30 2.41 6.03
C GLN C 115 8.76 1.98 7.43
N LYS C 116 8.66 0.70 7.70
CA LYS C 116 9.14 0.13 8.96
C LYS C 116 10.66 0.13 9.04
N ALA C 117 11.31 -0.17 7.93
CA ALA C 117 12.77 -0.23 7.90
C ALA C 117 13.42 1.13 8.14
N ILE C 118 12.86 2.18 7.55
CA ILE C 118 13.41 3.52 7.72
C ILE C 118 13.13 4.08 9.12
N ALA C 119 12.02 3.69 9.72
CA ALA C 119 11.70 4.11 11.08
C ALA C 119 12.71 3.51 12.07
N THR C 120 13.03 2.23 11.87
CA THR C 120 14.02 1.54 12.69
C THR C 120 15.41 2.15 12.52
N PHE C 121 15.76 2.46 11.26
CA PHE C 121 17.04 3.08 10.96
C PHE C 121 17.18 4.44 11.63
N GLU C 122 16.14 5.27 11.52
CA GLU C 122 16.19 6.61 12.10
C GLU C 122 16.30 6.57 13.63
N LYS C 123 15.57 5.65 14.26
CA LYS C 123 15.66 5.46 15.71
C LYS C 123 17.09 5.14 16.12
N ASN C 124 17.71 4.19 15.42
CA ASN C 124 19.08 3.80 15.72
C ASN C 124 20.11 4.86 15.30
N TYR C 125 19.76 5.67 14.30
CA TYR C 125 20.65 6.74 13.86
C TYR C 125 20.86 7.76 14.98
N LYS C 126 19.76 8.19 15.60
CA LYS C 126 19.81 9.16 16.69
C LYS C 126 20.50 8.57 17.92
N LYS C 127 20.14 7.34 18.25
CA LYS C 127 20.70 6.64 19.42
C LYS C 127 22.23 6.50 19.36
N ASP C 128 22.74 5.98 18.23
CA ASP C 128 24.17 5.81 18.06
C ASP C 128 24.88 7.16 18.05
N ARG C 129 24.23 8.16 17.45
CA ARG C 129 24.80 9.49 17.33
C ARG C 129 24.90 10.20 18.69
N ASP C 130 23.85 10.10 19.50
CA ASP C 130 23.84 10.70 20.83
C ASP C 130 24.90 10.07 21.74
N GLN C 131 25.04 8.75 21.64
CA GLN C 131 26.01 8.03 22.45
C GLN C 131 27.44 8.45 22.11
N MSE C 132 27.70 8.66 20.82
CA MSE C 132 28.99 9.20 20.37
C MSE C 132 29.27 10.53 21.04
O MSE C 132 30.34 10.72 21.64
CB MSE C 132 28.98 9.40 18.86
CG MSE C 132 29.70 8.32 18.08
SE MSE C 132 31.53 8.02 18.69
CE MSE C 132 31.45 6.09 18.75
N ARG C 133 28.33 11.45 20.92
CA ARG C 133 28.47 12.81 21.45
C ARG C 133 28.66 12.79 22.96
N GLN C 134 27.94 11.88 23.64
CA GLN C 134 28.11 11.69 25.07
C GLN C 134 29.55 11.27 25.40
N ASP C 135 30.00 10.19 24.78
CA ASP C 135 31.34 9.65 25.02
C ASP C 135 32.44 10.70 24.80
N ILE C 136 32.31 11.51 23.75
CA ILE C 136 33.27 12.58 23.47
C ILE C 136 33.24 13.65 24.57
N LEU C 137 32.06 14.11 24.94
CA LEU C 137 31.89 15.14 25.97
C LEU C 137 32.42 14.70 27.33
N LYS C 138 32.22 13.44 27.70
CA LYS C 138 32.75 12.90 28.94
C LYS C 138 34.28 12.92 28.93
N LEU C 139 34.85 12.43 27.83
CA LEU C 139 36.30 12.44 27.64
C LEU C 139 36.82 13.86 27.76
N GLU C 140 36.11 14.80 27.14
CA GLU C 140 36.44 16.22 27.22
C GLU C 140 36.17 16.81 28.61
N ALA C 141 35.63 15.99 29.52
CA ALA C 141 35.44 16.44 30.90
C ALA C 141 36.52 15.83 31.81
N LYS C 142 36.90 14.59 31.51
CA LYS C 142 37.97 13.91 32.25
C LYS C 142 39.32 14.62 32.07
N THR C 143 39.46 15.34 30.96
CA THR C 143 40.65 16.14 30.69
C THR C 143 40.81 17.26 31.73
N ARG C 144 39.70 17.91 32.06
CA ARG C 144 39.69 18.98 33.07
C ARG C 144 40.07 18.47 34.45
N LYS C 149 47.29 21.33 34.06
CA LYS C 149 48.45 21.07 34.90
C LYS C 149 48.97 19.66 34.67
N THR C 150 49.40 19.37 33.44
CA THR C 150 49.80 18.00 33.08
C THR C 150 51.18 17.92 32.44
N THR C 151 51.84 16.77 32.63
CA THR C 151 53.14 16.51 32.00
C THR C 151 52.98 16.40 30.47
N PRO C 152 54.01 16.80 29.72
CA PRO C 152 54.00 16.72 28.25
C PRO C 152 53.72 15.31 27.73
N GLU C 153 54.12 14.30 28.50
CA GLU C 153 53.92 12.91 28.12
C GLU C 153 52.46 12.44 28.21
N VAL C 154 51.80 12.75 29.33
CA VAL C 154 50.38 12.41 29.52
C VAL C 154 49.47 13.31 28.65
N LEU C 155 49.87 14.57 28.48
CA LEU C 155 49.16 15.48 27.59
C LEU C 155 49.08 14.91 26.18
N LYS C 156 50.13 14.20 25.77
CA LYS C 156 50.18 13.61 24.44
C LYS C 156 49.26 12.39 24.32
N GLN C 157 49.07 11.65 25.41
CA GLN C 157 48.12 10.54 25.42
C GLN C 157 46.69 11.04 25.27
N GLN C 158 46.33 12.05 26.06
CA GLN C 158 44.98 12.60 26.08
C GLN C 158 44.54 13.07 24.70
N ILE C 159 45.42 13.79 24.02
CA ILE C 159 45.17 14.27 22.66
C ILE C 159 44.91 13.07 21.74
N THR C 160 45.76 12.06 21.86
CA THR C 160 45.68 10.84 21.05
C THR C 160 44.40 10.05 21.29
N GLU C 161 43.97 9.95 22.54
CA GLU C 161 42.76 9.20 22.87
C GLU C 161 41.50 9.90 22.34
N LEU C 162 41.50 11.22 22.36
CA LEU C 162 40.36 12.00 21.88
C LEU C 162 40.32 12.02 20.35
N ASN C 163 41.49 12.04 19.71
CA ASN C 163 41.55 11.97 18.26
C ASN C 163 41.06 10.61 17.74
N ASP C 164 41.34 9.56 18.51
CA ASP C 164 40.87 8.23 18.16
C ASP C 164 39.36 8.08 18.34
N LYS C 165 38.80 8.82 19.30
CA LYS C 165 37.36 8.79 19.53
C LYS C 165 36.63 9.64 18.47
N ILE C 166 37.25 10.75 18.09
CA ILE C 166 36.70 11.62 17.05
C ILE C 166 36.66 10.91 15.70
N LYS C 167 37.71 10.16 15.37
CA LYS C 167 37.74 9.42 14.12
C LYS C 167 36.71 8.29 14.10
N GLU C 168 36.47 7.68 15.25
CA GLU C 168 35.42 6.68 15.40
C GLU C 168 34.05 7.32 15.11
N SER C 169 33.90 8.57 15.52
CA SER C 169 32.65 9.31 15.32
C SER C 169 32.43 9.61 13.84
N GLU C 170 33.50 10.03 13.15
CA GLU C 170 33.43 10.35 11.73
C GLU C 170 33.15 9.09 10.90
N GLN C 171 33.68 7.95 11.35
CA GLN C 171 33.44 6.67 10.68
C GLN C 171 31.99 6.23 10.85
N LEU C 172 31.44 6.47 12.04
CA LEU C 172 30.03 6.20 12.29
C LEU C 172 29.14 6.97 11.33
N ASN C 173 29.45 8.25 11.15
CA ASN C 173 28.68 9.10 10.25
C ASN C 173 28.78 8.64 8.80
N ALA C 174 29.98 8.28 8.38
CA ALA C 174 30.21 7.78 7.03
C ALA C 174 29.48 6.45 6.81
N ASN C 175 29.55 5.56 7.79
CA ASN C 175 28.88 4.26 7.71
C ASN C 175 27.35 4.39 7.62
N LYS C 176 26.79 5.35 8.35
CA LYS C 176 25.34 5.55 8.34
C LYS C 176 24.88 6.17 7.02
N LEU C 177 25.74 6.97 6.39
CA LEU C 177 25.45 7.53 5.08
C LEU C 177 25.39 6.41 4.03
N ARG C 178 26.39 5.53 4.03
CA ARG C 178 26.41 4.41 3.11
C ARG C 178 25.18 3.54 3.30
N ASP C 179 24.85 3.26 4.56
CA ASP C 179 23.68 2.42 4.86
C ASP C 179 22.37 2.97 4.30
N VAL C 180 22.11 4.27 4.51
CA VAL C 180 20.83 4.84 4.09
C VAL C 180 20.73 5.02 2.57
N VAL C 181 21.84 5.32 1.92
CA VAL C 181 21.84 5.48 0.47
C VAL C 181 21.62 4.13 -0.21
N LEU C 182 22.26 3.08 0.32
CA LEU C 182 22.08 1.74 -0.23
C LEU C 182 20.67 1.21 0.03
N MSE C 183 20.10 1.58 1.18
CA MSE C 183 18.71 1.22 1.48
C MSE C 183 17.78 1.76 0.40
O MSE C 183 16.82 1.09 0.00
CB MSE C 183 18.26 1.82 2.81
CG MSE C 183 18.63 1.04 4.06
SE MSE C 183 17.94 1.95 5.66
CE MSE C 183 16.04 1.84 5.25
N GLU C 184 18.07 2.97 -0.06
CA GLU C 184 17.26 3.63 -1.07
C GLU C 184 17.49 3.00 -2.45
N ARG C 185 18.74 2.65 -2.75
CA ARG C 185 19.06 1.97 -3.99
C ARG C 185 18.37 0.61 -4.08
N ARG C 186 18.40 -0.15 -2.97
CA ARG C 186 17.73 -1.45 -2.93
C ARG C 186 16.24 -1.33 -3.19
N LYS C 187 15.62 -0.32 -2.59
CA LYS C 187 14.19 -0.08 -2.76
C LYS C 187 13.87 0.18 -4.23
N HIS C 188 14.65 1.06 -4.84
CA HIS C 188 14.49 1.40 -6.25
C HIS C 188 14.73 0.20 -7.17
N ALA C 189 15.74 -0.61 -6.84
CA ALA C 189 16.05 -1.80 -7.64
C ALA C 189 14.95 -2.86 -7.53
N THR C 190 14.43 -3.05 -6.31
CA THR C 190 13.31 -3.96 -6.10
C THR C 190 12.10 -3.52 -6.94
N PHE C 191 11.86 -2.21 -6.98
CA PHE C 191 10.78 -1.64 -7.77
C PHE C 191 10.91 -2.03 -9.24
N LEU C 192 12.06 -1.73 -9.82
CA LEU C 192 12.30 -2.04 -11.23
C LEU C 192 12.27 -3.54 -11.48
N SER C 193 12.81 -4.31 -10.54
CA SER C 193 12.83 -5.76 -10.66
C SER C 193 11.43 -6.34 -10.80
N GLN C 194 10.51 -5.85 -9.97
CA GLN C 194 9.13 -6.33 -10.00
C GLN C 194 8.39 -5.82 -11.24
N PHE C 195 8.67 -4.57 -11.62
CA PHE C 195 8.04 -3.99 -12.80
C PHE C 195 8.51 -4.68 -14.09
N ASN C 196 9.77 -5.13 -14.10
CA ASN C 196 10.31 -5.88 -15.24
C ASN C 196 9.50 -7.12 -15.62
N GLN C 197 8.89 -7.76 -14.64
CA GLN C 197 8.07 -8.96 -14.90
C GLN C 197 6.97 -8.63 -15.91
N PHE C 198 6.34 -7.47 -15.71
CA PHE C 198 5.34 -6.96 -16.63
C PHE C 198 5.93 -6.60 -18.00
N LEU C 199 7.11 -5.98 -17.99
CA LEU C 199 7.75 -5.57 -19.24
C LEU C 199 8.09 -6.78 -20.11
N GLU C 200 8.63 -7.82 -19.50
CA GLU C 200 9.00 -9.04 -20.22
C GLU C 200 7.81 -9.73 -20.89
N LYS C 201 6.69 -9.77 -20.17
CA LYS C 201 5.48 -10.42 -20.67
C LYS C 201 4.80 -9.59 -21.76
N GLU C 202 4.81 -8.27 -21.60
CA GLU C 202 4.31 -7.37 -22.63
C GLU C 202 5.12 -7.53 -23.92
N ILE C 203 6.42 -7.71 -23.77
CA ILE C 203 7.31 -7.95 -24.92
C ILE C 203 6.97 -9.28 -25.62
N GLU C 204 6.63 -10.30 -24.84
CA GLU C 204 6.30 -11.61 -25.39
C GLU C 204 4.94 -11.61 -26.09
N LEU C 205 4.01 -10.81 -25.59
CA LEU C 205 2.73 -10.62 -26.25
C LEU C 205 2.93 -9.92 -27.59
N SER C 206 3.80 -8.91 -27.60
CA SER C 206 4.13 -8.19 -28.83
C SER C 206 4.78 -9.10 -29.88
N ALA C 207 5.75 -9.92 -29.46
CA ALA C 207 6.38 -10.88 -30.36
C ALA C 207 5.35 -11.83 -30.96
N ASP C 208 4.40 -12.26 -30.12
CA ASP C 208 3.35 -13.18 -30.56
C ASP C 208 2.39 -12.48 -31.51
N THR C 209 2.09 -11.21 -31.22
CA THR C 209 1.21 -10.41 -32.06
C THR C 209 1.80 -10.21 -33.46
N MSE C 210 3.09 -9.87 -33.52
CA MSE C 210 3.78 -9.67 -34.79
C MSE C 210 3.76 -10.93 -35.65
O MSE C 210 3.57 -10.87 -36.86
CB MSE C 210 5.24 -9.25 -34.55
CG MSE C 210 5.41 -7.92 -33.85
SE MSE C 210 7.29 -7.42 -33.60
CE MSE C 210 7.78 -7.22 -35.46
N SER C 211 3.95 -12.08 -35.01
CA SER C 211 4.02 -13.36 -35.71
C SER C 211 2.66 -13.81 -36.23
N LYS C 212 1.64 -13.77 -35.38
CA LYS C 212 0.30 -14.20 -35.77
C LYS C 212 -0.33 -13.29 -36.83
N PHE C 213 -0.22 -11.97 -36.64
CA PHE C 213 -0.83 -11.04 -37.58
C PHE C 213 -0.11 -11.00 -38.92
N SER C 214 1.21 -11.21 -38.90
CA SER C 214 1.96 -11.34 -40.16
C SER C 214 1.47 -12.53 -40.98
N THR C 215 1.14 -13.62 -40.32
CA THR C 215 0.64 -14.81 -41.01
C THR C 215 -0.77 -14.57 -41.57
N ASN C 216 -1.61 -13.89 -40.79
CA ASN C 216 -2.95 -13.51 -41.25
C ASN C 216 -2.87 -12.63 -42.49
N LEU C 217 -1.97 -11.64 -42.46
CA LEU C 217 -1.77 -10.72 -43.58
C LEU C 217 -1.44 -11.47 -44.87
N ASN C 218 -0.52 -12.43 -44.77
CA ASN C 218 -0.14 -13.23 -45.94
C ASN C 218 -1.32 -14.05 -46.47
N THR C 219 -2.12 -14.60 -45.57
CA THR C 219 -3.31 -15.36 -45.96
C THR C 219 -4.32 -14.44 -46.67
N HIS C 220 -4.54 -13.26 -46.11
CA HIS C 220 -5.50 -12.30 -46.66
C HIS C 220 -5.06 -11.80 -48.04
N ARG C 221 -3.76 -11.54 -48.18
CA ARG C 221 -3.18 -11.11 -49.44
C ARG C 221 -3.42 -12.15 -50.55
N ASP C 222 -3.32 -13.43 -50.20
CA ASP C 222 -3.60 -14.50 -51.13
C ASP C 222 -5.08 -14.53 -51.52
N LEU C 223 -5.95 -14.32 -50.55
CA LEU C 223 -7.39 -14.28 -50.81
C LEU C 223 -7.78 -13.10 -51.69
N ILE C 224 -7.20 -11.93 -51.39
CA ILE C 224 -7.47 -10.72 -52.16
C ILE C 224 -7.03 -10.87 -53.63
N ASN C 225 -5.86 -11.47 -53.84
CA ASN C 225 -5.35 -11.68 -55.20
C ASN C 225 -6.10 -12.77 -55.97
N SER C 226 -7.00 -13.47 -55.30
CA SER C 226 -7.76 -14.55 -55.92
C SER C 226 -9.26 -14.29 -55.90
N GLN C 227 -9.66 -13.06 -55.54
CA GLN C 227 -11.07 -12.72 -55.41
C GLN C 227 -11.87 -12.89 -56.71
N SER C 228 -11.21 -12.65 -57.85
CA SER C 228 -11.88 -12.72 -59.14
C SER C 228 -11.81 -14.12 -59.72
N GLN C 229 -11.37 -15.09 -58.91
CA GLN C 229 -11.24 -16.46 -59.35
C GLN C 229 -12.41 -17.32 -58.87
N LEU C 230 -13.18 -17.84 -59.81
CA LEU C 230 -14.32 -18.69 -59.48
C LEU C 230 -13.81 -20.02 -58.94
N PRO C 231 -14.35 -20.45 -57.77
CA PRO C 231 -13.93 -21.74 -57.21
C PRO C 231 -14.20 -22.87 -58.19
N LEU C 232 -13.37 -23.92 -58.18
CA LEU C 232 -13.47 -24.98 -59.18
C LEU C 232 -14.80 -25.73 -59.12
N GLU C 233 -15.43 -25.76 -57.94
CA GLU C 233 -16.69 -26.48 -57.79
C GLU C 233 -17.82 -25.82 -58.59
N MSE C 234 -17.82 -24.49 -58.63
CA MSE C 234 -18.79 -23.74 -59.41
C MSE C 234 -18.56 -23.98 -60.90
O MSE C 234 -19.52 -24.23 -61.64
CB MSE C 234 -18.66 -22.24 -59.12
CG MSE C 234 -18.84 -21.86 -57.65
SE MSE C 234 -20.70 -21.85 -57.07
CE MSE C 234 -20.86 -23.69 -56.44
N GLU C 235 -17.30 -23.93 -61.32
CA GLU C 235 -16.94 -24.12 -62.72
C GLU C 235 -17.32 -25.50 -63.25
N SER C 236 -17.14 -26.53 -62.42
CA SER C 236 -17.51 -27.89 -62.79
C SER C 236 -19.03 -28.00 -62.86
N MSE C 237 -19.71 -27.50 -61.83
CA MSE C 237 -21.16 -27.50 -61.75
C MSE C 237 -21.82 -26.93 -63.01
O MSE C 237 -22.82 -27.46 -63.49
CB MSE C 237 -21.62 -26.73 -60.50
CG MSE C 237 -23.09 -26.38 -60.49
SE MSE C 237 -23.61 -25.39 -58.89
CE MSE C 237 -23.13 -26.73 -57.54
N ILE C 238 -21.26 -25.84 -63.52
CA ILE C 238 -21.75 -25.19 -64.73
C ILE C 238 -21.57 -26.08 -65.97
N SER C 239 -20.33 -26.52 -66.21
CA SER C 239 -20.03 -27.37 -67.37
C SER C 239 -20.77 -28.71 -67.31
N LYS C 240 -21.02 -29.18 -66.09
CA LYS C 240 -21.77 -30.41 -65.84
C LYS C 240 -23.22 -30.26 -66.29
N GLN C 241 -23.78 -29.08 -66.06
CA GLN C 241 -25.13 -28.74 -66.53
C GLN C 241 -25.14 -28.50 -68.04
N GLU C 242 -24.05 -27.93 -68.56
CA GLU C 242 -23.94 -27.65 -69.99
C GLU C 242 -23.62 -28.91 -70.79
N GLN D 13 -34.86 -29.78 -60.16
CA GLN D 13 -34.21 -28.58 -59.66
C GLN D 13 -32.82 -28.38 -60.29
N ASN D 14 -32.57 -27.17 -60.79
CA ASN D 14 -31.29 -26.83 -61.41
C ASN D 14 -30.24 -26.35 -60.39
N PRO D 15 -29.11 -27.05 -60.30
CA PRO D 15 -28.00 -26.74 -59.39
C PRO D 15 -27.45 -25.32 -59.58
N VAL D 16 -27.24 -24.88 -60.83
CA VAL D 16 -26.72 -23.52 -61.05
C VAL D 16 -27.72 -22.45 -60.62
N ILE D 17 -29.01 -22.72 -60.80
CA ILE D 17 -30.06 -21.83 -60.32
C ILE D 17 -30.16 -21.92 -58.80
N GLU D 18 -30.03 -23.14 -58.27
CA GLU D 18 -30.12 -23.38 -56.83
C GLU D 18 -29.04 -22.62 -56.05
N ILE D 19 -27.79 -22.76 -56.48
CA ILE D 19 -26.68 -22.07 -55.82
C ILE D 19 -26.76 -20.54 -56.02
N THR D 20 -27.23 -20.11 -57.18
CA THR D 20 -27.43 -18.68 -57.44
C THR D 20 -28.39 -18.03 -56.43
N LEU D 21 -29.53 -18.69 -56.21
CA LEU D 21 -30.54 -18.21 -55.27
C LEU D 21 -30.03 -18.26 -53.83
N LYS D 22 -29.22 -19.28 -53.54
CA LYS D 22 -28.63 -19.46 -52.22
C LYS D 22 -27.68 -18.30 -51.88
N THR D 23 -26.89 -17.89 -52.88
CA THR D 23 -25.90 -16.84 -52.72
C THR D 23 -26.56 -15.45 -52.64
N ILE D 24 -27.62 -15.26 -53.43
CA ILE D 24 -28.43 -14.04 -53.35
C ILE D 24 -28.99 -13.90 -51.94
N ASN D 25 -29.58 -14.97 -51.43
CA ASN D 25 -30.13 -14.97 -50.07
C ASN D 25 -29.06 -14.69 -49.02
N ASN D 26 -27.87 -15.24 -49.20
CA ASN D 26 -26.78 -15.00 -48.25
C ASN D 26 -26.38 -13.52 -48.21
N LEU D 27 -26.23 -12.92 -49.38
CA LEU D 27 -25.82 -11.52 -49.48
C LEU D 27 -26.92 -10.54 -49.03
N LYS D 28 -28.17 -10.94 -49.18
CA LYS D 28 -29.29 -10.05 -48.85
C LYS D 28 -29.79 -10.19 -47.41
N VAL D 29 -29.78 -11.41 -46.89
CA VAL D 29 -30.42 -11.71 -45.61
C VAL D 29 -29.44 -12.07 -44.50
N ASN D 30 -28.55 -13.02 -44.78
CA ASN D 30 -27.64 -13.55 -43.76
C ASN D 30 -26.47 -12.64 -43.41
N SER D 31 -25.79 -12.10 -44.43
CA SER D 31 -24.54 -11.37 -44.24
C SER D 31 -24.62 -9.95 -43.65
N PRO D 32 -25.63 -9.14 -44.03
CA PRO D 32 -25.66 -7.79 -43.46
C PRO D 32 -25.72 -7.69 -41.92
N PRO D 33 -26.50 -8.55 -41.24
CA PRO D 33 -26.41 -8.46 -39.78
C PRO D 33 -25.06 -8.94 -39.25
N LEU D 34 -24.51 -9.98 -39.86
CA LEU D 34 -23.25 -10.59 -39.42
C LEU D 34 -22.06 -9.63 -39.49
N PHE D 35 -21.91 -8.94 -40.62
CA PHE D 35 -20.83 -7.96 -40.77
C PHE D 35 -21.08 -6.72 -39.90
N THR D 36 -22.36 -6.40 -39.67
CA THR D 36 -22.73 -5.31 -38.77
C THR D 36 -22.32 -5.60 -37.33
N GLU D 37 -22.53 -6.85 -36.90
CA GLU D 37 -22.09 -7.26 -35.56
C GLU D 37 -20.58 -7.14 -35.40
N VAL D 38 -19.85 -7.33 -36.50
CA VAL D 38 -18.39 -7.15 -36.50
C VAL D 38 -18.04 -5.67 -36.32
N ILE D 39 -18.73 -4.81 -37.06
CA ILE D 39 -18.54 -3.36 -36.96
C ILE D 39 -18.76 -2.86 -35.53
N LYS D 40 -19.84 -3.30 -34.92
CA LYS D 40 -20.18 -2.85 -33.58
C LYS D 40 -19.17 -3.36 -32.54
N ALA D 41 -18.74 -4.61 -32.70
CA ALA D 41 -17.74 -5.18 -31.80
C ALA D 41 -16.40 -4.48 -31.96
N ALA D 42 -16.05 -4.15 -33.20
CA ALA D 42 -14.79 -3.44 -33.47
C ALA D 42 -14.83 -2.05 -32.85
N ASN D 43 -16.02 -1.44 -32.82
CA ASN D 43 -16.17 -0.11 -32.25
C ASN D 43 -15.99 -0.11 -30.73
N LYS D 44 -16.54 -1.12 -30.05
CA LYS D 44 -16.32 -1.27 -28.62
C LYS D 44 -14.84 -1.50 -28.35
N TYR D 45 -14.20 -2.26 -29.24
CA TYR D 45 -12.78 -2.60 -29.10
C TYR D 45 -11.89 -1.36 -29.15
N GLN D 46 -12.14 -0.50 -30.13
CA GLN D 46 -11.29 0.67 -30.32
C GLN D 46 -11.50 1.70 -29.22
N GLN D 47 -12.69 1.69 -28.61
CA GLN D 47 -12.98 2.57 -27.50
C GLN D 47 -12.25 2.10 -26.25
N GLN D 48 -12.14 0.80 -26.06
CA GLN D 48 -11.40 0.24 -24.93
C GLN D 48 -9.90 0.41 -25.10
N ALA D 49 -9.43 0.35 -26.34
CA ALA D 49 -8.03 0.60 -26.64
C ALA D 49 -7.65 2.02 -26.20
N GLN D 50 -8.51 2.99 -26.54
CA GLN D 50 -8.30 4.39 -26.19
C GLN D 50 -8.33 4.63 -24.69
N ALA D 51 -9.21 3.91 -24.00
CA ALA D 51 -9.29 4.03 -22.55
C ALA D 51 -8.01 3.45 -21.95
N LEU D 52 -7.53 2.34 -22.49
CA LEU D 52 -6.25 1.76 -22.07
C LEU D 52 -5.14 2.76 -22.28
N SER D 53 -5.13 3.40 -23.44
CA SER D 53 -4.13 4.41 -23.75
C SER D 53 -4.10 5.53 -22.70
N GLN D 54 -5.28 6.03 -22.34
CA GLN D 54 -5.38 7.12 -21.36
C GLN D 54 -4.93 6.70 -19.97
N ALA D 55 -5.24 5.47 -19.58
CA ALA D 55 -4.78 4.94 -18.31
C ALA D 55 -3.25 4.80 -18.31
N GLY D 56 -2.69 4.51 -19.48
CA GLY D 56 -1.25 4.38 -19.62
C GLY D 56 -0.51 5.69 -19.50
N LEU D 57 -1.10 6.76 -20.04
CA LEU D 57 -0.52 8.09 -19.92
C LEU D 57 -0.53 8.56 -18.46
N VAL D 58 -1.57 8.18 -17.72
CA VAL D 58 -1.64 8.46 -16.29
C VAL D 58 -0.49 7.75 -15.56
N LEU D 59 -0.30 6.47 -15.88
CA LEU D 59 0.79 5.68 -15.30
C LEU D 59 2.13 6.32 -15.58
N ALA D 60 2.34 6.75 -16.83
CA ALA D 60 3.58 7.42 -17.22
C ALA D 60 3.86 8.66 -16.37
N ASP D 61 2.80 9.42 -16.07
CA ASP D 61 2.94 10.64 -15.26
C ASP D 61 3.38 10.37 -13.82
N THR D 62 2.84 9.31 -13.23
CA THR D 62 3.21 8.93 -11.86
C THR D 62 4.69 8.55 -11.78
N LEU D 63 5.17 7.88 -12.83
CA LEU D 63 6.57 7.46 -12.89
C LEU D 63 7.52 8.64 -13.03
N THR D 64 7.13 9.63 -13.82
CA THR D 64 7.90 10.86 -13.96
C THR D 64 8.01 11.58 -12.62
N ARG D 65 6.91 11.53 -11.85
CA ARG D 65 6.88 12.21 -10.56
C ARG D 65 7.82 11.59 -9.53
N LEU D 66 8.31 10.38 -9.82
CA LEU D 66 9.31 9.75 -8.96
C LEU D 66 10.66 10.47 -9.06
N THR D 67 10.83 11.27 -10.11
CA THR D 67 12.09 11.98 -10.35
C THR D 67 12.15 13.35 -9.65
N ILE D 68 11.08 13.72 -8.95
CA ILE D 68 11.03 14.98 -8.21
C ILE D 68 12.10 14.99 -7.11
N HIS D 69 12.20 13.88 -6.38
CA HIS D 69 13.14 13.79 -5.27
C HIS D 69 14.26 12.80 -5.53
N ASN D 70 14.11 11.99 -6.57
CA ASN D 70 15.11 10.97 -6.88
C ASN D 70 15.86 11.25 -8.18
N GLY D 71 17.12 11.67 -8.04
CA GLY D 71 17.98 11.96 -9.18
C GLY D 71 18.93 10.82 -9.45
N GLY D 72 20.13 11.12 -9.96
CA GLY D 72 21.13 10.11 -10.21
C GLY D 72 20.73 9.11 -11.28
N ASP D 73 21.31 7.91 -11.23
CA ASP D 73 21.07 6.91 -12.27
C ASP D 73 19.64 6.33 -12.24
N PHE D 74 19.08 6.14 -11.05
CA PHE D 74 17.71 5.64 -10.96
C PHE D 74 16.73 6.68 -11.49
N GLY D 75 16.98 7.95 -11.16
CA GLY D 75 16.17 9.04 -11.67
C GLY D 75 16.08 9.05 -13.18
N GLU D 76 17.21 8.97 -13.86
CA GLU D 76 17.22 8.92 -15.31
C GLU D 76 16.51 7.66 -15.81
N GLY D 77 16.57 6.59 -15.01
CA GLY D 77 15.91 5.35 -15.36
C GLY D 77 14.40 5.49 -15.31
N PHE D 78 13.90 6.10 -14.23
CA PHE D 78 12.47 6.32 -14.06
C PHE D 78 11.92 7.18 -15.19
N LYS D 79 12.67 8.23 -15.54
CA LYS D 79 12.25 9.17 -16.59
C LYS D 79 12.17 8.50 -17.97
N LYS D 80 13.15 7.64 -18.28
CA LYS D 80 13.14 6.93 -19.55
C LYS D 80 12.00 5.93 -19.64
N LEU D 81 11.67 5.30 -18.52
CA LEU D 81 10.55 4.37 -18.47
C LEU D 81 9.25 5.12 -18.77
N ALA D 82 9.06 6.26 -18.11
CA ALA D 82 7.88 7.08 -18.31
C ALA D 82 7.77 7.55 -19.76
N ASP D 83 8.87 8.04 -20.32
CA ASP D 83 8.90 8.49 -21.72
C ASP D 83 8.51 7.37 -22.68
N ALA D 84 8.95 6.15 -22.38
CA ALA D 84 8.69 5.01 -23.22
C ALA D 84 7.21 4.61 -23.22
N ILE D 85 6.61 4.56 -22.02
CA ILE D 85 5.19 4.24 -21.89
C ILE D 85 4.32 5.31 -22.57
N LYS D 86 4.72 6.56 -22.43
CA LYS D 86 4.01 7.68 -23.06
C LYS D 86 3.99 7.54 -24.59
N ASP D 87 5.15 7.23 -25.17
CA ASP D 87 5.27 7.09 -26.62
C ASP D 87 4.41 5.94 -27.15
N LEU D 88 4.44 4.81 -26.45
CA LEU D 88 3.70 3.62 -26.88
C LEU D 88 2.19 3.79 -26.71
N GLU D 89 1.78 4.41 -25.61
CA GLU D 89 0.36 4.61 -25.35
C GLU D 89 -0.24 5.65 -26.30
N ASN D 90 0.59 6.61 -26.72
CA ASN D 90 0.16 7.53 -27.77
C ASN D 90 0.01 6.79 -29.11
N ARG D 91 0.88 5.81 -29.36
CA ARG D 91 0.75 5.00 -30.57
C ARG D 91 -0.44 4.05 -30.49
N ARG D 92 -0.77 3.56 -29.30
CA ARG D 92 -1.96 2.73 -29.16
C ARG D 92 -3.21 3.52 -29.56
N ASP D 93 -3.22 4.81 -29.22
CA ASP D 93 -4.32 5.68 -29.61
C ASP D 93 -4.39 5.78 -31.12
N ASP D 94 -3.23 5.91 -31.77
CA ASP D 94 -3.15 5.96 -33.23
C ASP D 94 -3.69 4.68 -33.87
N VAL D 95 -3.47 3.55 -33.22
CA VAL D 95 -3.96 2.27 -33.71
C VAL D 95 -5.48 2.19 -33.66
N ALA D 96 -6.06 2.67 -32.57
CA ALA D 96 -7.52 2.72 -32.42
C ALA D 96 -8.16 3.57 -33.50
N LYS D 97 -7.50 4.67 -33.86
CA LYS D 97 -8.03 5.58 -34.88
C LYS D 97 -8.02 4.98 -36.28
N VAL D 98 -6.95 4.25 -36.58
CA VAL D 98 -6.83 3.56 -37.86
C VAL D 98 -7.98 2.56 -37.99
N LEU D 99 -8.25 1.83 -36.91
CA LEU D 99 -9.36 0.89 -36.89
C LEU D 99 -10.69 1.58 -37.17
N LEU D 100 -10.88 2.76 -36.58
CA LEU D 100 -12.10 3.53 -36.81
C LEU D 100 -12.14 4.11 -38.22
N ASN D 101 -11.05 4.75 -38.64
CA ASN D 101 -11.03 5.47 -39.90
C ASN D 101 -10.82 4.62 -41.14
N GLU D 102 -10.07 3.54 -41.01
CA GLU D 102 -9.72 2.70 -42.16
C GLU D 102 -10.52 1.41 -42.25
N PHE D 103 -11.26 1.06 -41.19
CA PHE D 103 -12.10 -0.13 -41.22
C PHE D 103 -13.56 0.13 -40.86
N ILE D 104 -13.79 0.58 -39.63
CA ILE D 104 -15.15 0.74 -39.10
C ILE D 104 -16.03 1.63 -39.98
N THR D 105 -15.51 2.79 -40.37
CA THR D 105 -16.28 3.74 -41.18
C THR D 105 -16.45 3.30 -42.65
N PRO D 106 -15.34 2.91 -43.32
CA PRO D 106 -15.53 2.47 -44.72
C PRO D 106 -16.38 1.21 -44.87
N ASN D 107 -16.23 0.24 -43.96
CA ASN D 107 -16.97 -1.02 -44.07
C ASN D 107 -18.44 -0.87 -43.71
N LYS D 108 -18.72 -0.01 -42.73
CA LYS D 108 -20.09 0.33 -42.35
C LYS D 108 -20.85 0.83 -43.58
N GLN D 109 -20.17 1.59 -44.43
CA GLN D 109 -20.75 2.10 -45.66
C GLN D 109 -20.81 1.03 -46.75
N ALA D 110 -19.79 0.19 -46.80
CA ALA D 110 -19.76 -0.91 -47.77
C ALA D 110 -20.91 -1.88 -47.53
N ILE D 111 -21.27 -2.09 -46.27
CA ILE D 111 -22.42 -2.92 -45.90
C ILE D 111 -23.71 -2.33 -46.49
N GLU D 112 -23.83 -1.00 -46.44
CA GLU D 112 -24.99 -0.31 -47.00
C GLU D 112 -25.00 -0.42 -48.53
N ASP D 113 -23.87 -0.10 -49.15
CA ASP D 113 -23.75 -0.14 -50.61
C ASP D 113 -24.02 -1.53 -51.17
N ASP D 114 -23.48 -2.56 -50.51
CA ASP D 114 -23.66 -3.94 -50.95
C ASP D 114 -25.11 -4.39 -50.85
N GLN D 115 -25.81 -3.87 -49.85
CA GLN D 115 -27.23 -4.17 -49.65
C GLN D 115 -28.07 -3.65 -50.81
N LYS D 116 -27.68 -2.50 -51.34
CA LYS D 116 -28.38 -1.93 -52.48
C LYS D 116 -28.01 -2.65 -53.77
N ALA D 117 -26.78 -3.15 -53.82
CA ALA D 117 -26.28 -3.87 -54.99
C ALA D 117 -27.01 -5.19 -55.21
N ILE D 118 -27.13 -5.99 -54.15
CA ILE D 118 -27.75 -7.31 -54.26
C ILE D 118 -29.26 -7.22 -54.51
N ALA D 119 -29.92 -6.22 -53.96
CA ALA D 119 -31.34 -6.01 -54.21
C ALA D 119 -31.58 -5.69 -55.68
N THR D 120 -30.68 -4.88 -56.25
CA THR D 120 -30.73 -4.56 -57.68
C THR D 120 -30.44 -5.81 -58.52
N PHE D 121 -29.44 -6.59 -58.11
CA PHE D 121 -29.10 -7.83 -58.81
C PHE D 121 -30.26 -8.80 -58.81
N GLU D 122 -30.92 -8.94 -57.66
CA GLU D 122 -32.05 -9.87 -57.54
C GLU D 122 -33.21 -9.42 -58.44
N LYS D 123 -33.42 -8.11 -58.53
CA LYS D 123 -34.44 -7.56 -59.42
C LYS D 123 -34.19 -7.93 -60.87
N ASN D 124 -32.96 -7.76 -61.31
CA ASN D 124 -32.58 -8.11 -62.68
C ASN D 124 -32.54 -9.61 -62.89
N TYR D 125 -32.32 -10.37 -61.81
CA TYR D 125 -32.31 -11.83 -61.91
C TYR D 125 -33.68 -12.36 -62.29
N LYS D 126 -34.72 -11.85 -61.63
CA LYS D 126 -36.10 -12.27 -61.91
C LYS D 126 -36.57 -11.78 -63.28
N LYS D 127 -36.26 -10.52 -63.59
CA LYS D 127 -36.60 -9.92 -64.89
C LYS D 127 -36.12 -10.77 -66.06
N ASP D 128 -34.81 -10.95 -66.14
CA ASP D 128 -34.19 -11.68 -67.24
C ASP D 128 -34.64 -13.13 -67.30
N ARG D 129 -34.88 -13.72 -66.13
CA ARG D 129 -35.30 -15.11 -66.03
C ARG D 129 -36.73 -15.30 -66.55
N ASP D 130 -37.62 -14.39 -66.19
CA ASP D 130 -39.01 -14.46 -66.62
C ASP D 130 -39.15 -14.18 -68.11
N GLN D 131 -38.37 -13.23 -68.62
CA GLN D 131 -38.39 -12.92 -70.05
C GLN D 131 -37.92 -14.12 -70.84
N MSE D 132 -36.91 -14.82 -70.33
CA MSE D 132 -36.41 -16.04 -70.93
C MSE D 132 -37.50 -17.10 -71.04
O MSE D 132 -37.68 -17.72 -72.08
CB MSE D 132 -35.26 -16.62 -70.10
CG MSE D 132 -33.90 -16.15 -70.54
SE MSE D 132 -33.59 -16.61 -72.41
CE MSE D 132 -32.53 -15.06 -72.89
N ARG D 133 -38.24 -17.27 -69.93
CA ARG D 133 -39.30 -18.26 -69.85
C ARG D 133 -40.41 -17.92 -70.85
N GLN D 134 -40.81 -16.66 -70.88
CA GLN D 134 -41.81 -16.18 -71.83
C GLN D 134 -41.38 -16.41 -73.28
N ASP D 135 -40.12 -16.07 -73.58
CA ASP D 135 -39.58 -16.24 -74.92
C ASP D 135 -39.59 -17.71 -75.36
N ILE D 136 -39.29 -18.62 -74.43
CA ILE D 136 -39.31 -20.04 -74.72
C ILE D 136 -40.75 -20.54 -74.95
N LEU D 137 -41.70 -20.04 -74.17
CA LEU D 137 -43.10 -20.40 -74.32
C LEU D 137 -43.70 -19.94 -75.66
N LYS D 138 -43.39 -18.72 -76.07
CA LYS D 138 -43.80 -18.22 -77.39
C LYS D 138 -43.29 -19.15 -78.47
N LEU D 139 -42.01 -19.49 -78.38
CA LEU D 139 -41.36 -20.35 -79.37
C LEU D 139 -41.99 -21.73 -79.45
N GLU D 140 -42.35 -22.31 -78.30
CA GLU D 140 -43.03 -23.60 -78.25
C GLU D 140 -44.36 -23.54 -78.99
N ALA D 141 -45.13 -22.48 -78.74
CA ALA D 141 -46.40 -22.26 -79.42
C ALA D 141 -46.20 -22.15 -80.93
N LYS D 142 -45.07 -21.58 -81.34
CA LYS D 142 -44.77 -21.40 -82.77
C LYS D 142 -44.46 -22.72 -83.48
N THR D 143 -43.63 -23.57 -82.87
CA THR D 143 -43.32 -24.86 -83.50
C THR D 143 -44.53 -25.81 -83.50
N ARG D 144 -45.48 -25.58 -82.60
CA ARG D 144 -46.76 -26.30 -82.64
C ARG D 144 -47.59 -25.83 -83.82
N LYS D 145 -47.69 -24.51 -83.95
CA LYS D 145 -48.47 -23.89 -85.01
C LYS D 145 -47.82 -24.18 -86.35
N ALA D 146 -46.50 -24.03 -86.41
CA ALA D 146 -45.72 -24.55 -87.52
C ALA D 146 -45.44 -26.03 -87.26
N GLY D 147 -46.47 -26.73 -86.77
CA GLY D 147 -46.43 -28.17 -86.53
C GLY D 147 -47.62 -28.86 -87.18
N LYS D 148 -48.73 -28.13 -87.35
CA LYS D 148 -49.96 -28.69 -87.95
C LYS D 148 -49.97 -28.95 -89.45
N LYS D 149 -50.02 -27.88 -90.24
CA LYS D 149 -49.82 -27.98 -91.67
C LYS D 149 -48.40 -27.56 -92.01
N THR D 150 -47.48 -28.50 -91.91
CA THR D 150 -46.09 -28.24 -92.21
C THR D 150 -45.39 -29.42 -92.85
N THR D 151 -44.49 -29.08 -93.77
CA THR D 151 -43.45 -29.94 -94.24
C THR D 151 -42.55 -30.27 -93.03
N PRO D 152 -41.91 -31.46 -93.04
CA PRO D 152 -40.92 -31.78 -91.99
C PRO D 152 -39.73 -30.82 -92.06
N GLU D 153 -39.59 -30.13 -93.19
CA GLU D 153 -38.53 -29.14 -93.38
C GLU D 153 -38.65 -27.94 -92.43
N VAL D 154 -39.85 -27.36 -92.30
CA VAL D 154 -40.06 -26.20 -91.45
C VAL D 154 -40.16 -26.53 -89.96
N LEU D 155 -40.62 -27.74 -89.64
CA LEU D 155 -40.66 -28.18 -88.24
C LEU D 155 -39.26 -28.17 -87.62
N LYS D 156 -38.31 -28.78 -88.32
CA LYS D 156 -36.93 -28.86 -87.84
C LYS D 156 -36.32 -27.47 -87.67
N GLN D 157 -36.66 -26.56 -88.57
CA GLN D 157 -36.14 -25.20 -88.53
C GLN D 157 -36.70 -24.40 -87.34
N GLN D 158 -37.97 -24.63 -87.02
CA GLN D 158 -38.58 -23.95 -85.87
C GLN D 158 -38.09 -24.51 -84.53
N ILE D 159 -37.76 -25.80 -84.52
CA ILE D 159 -37.16 -26.44 -83.36
C ILE D 159 -35.74 -25.91 -83.16
N THR D 160 -35.04 -25.68 -84.28
CA THR D 160 -33.72 -25.06 -84.26
C THR D 160 -33.74 -23.71 -83.54
N GLU D 161 -34.77 -22.90 -83.80
CA GLU D 161 -34.92 -21.62 -83.11
C GLU D 161 -35.21 -21.82 -81.62
N LEU D 162 -35.90 -22.90 -81.29
CA LEU D 162 -36.24 -23.21 -79.90
C LEU D 162 -35.01 -23.67 -79.12
N ASN D 163 -34.15 -24.46 -79.76
CA ASN D 163 -32.92 -24.92 -79.12
C ASN D 163 -31.91 -23.79 -78.90
N ASP D 164 -31.82 -22.88 -79.86
CA ASP D 164 -30.93 -21.72 -79.74
C ASP D 164 -31.31 -20.85 -78.54
N LYS D 165 -32.61 -20.64 -78.34
CA LYS D 165 -33.10 -19.86 -77.21
C LYS D 165 -32.85 -20.58 -75.88
N ILE D 166 -33.01 -21.90 -75.91
CA ILE D 166 -32.75 -22.72 -74.72
C ILE D 166 -31.28 -22.65 -74.29
N LYS D 167 -30.37 -22.66 -75.27
CA LYS D 167 -28.95 -22.48 -75.00
C LYS D 167 -28.69 -21.09 -74.42
N GLU D 168 -29.41 -20.10 -74.92
CA GLU D 168 -29.29 -18.73 -74.43
C GLU D 168 -29.72 -18.64 -72.96
N SER D 169 -30.75 -19.39 -72.61
CA SER D 169 -31.25 -19.43 -71.25
C SER D 169 -30.22 -20.07 -70.30
N GLU D 170 -29.62 -21.16 -70.77
CA GLU D 170 -28.60 -21.88 -69.99
C GLU D 170 -27.38 -21.01 -69.76
N GLN D 171 -27.00 -20.25 -70.77
CA GLN D 171 -25.86 -19.35 -70.69
C GLN D 171 -26.13 -18.23 -69.68
N LEU D 172 -27.34 -17.67 -69.74
CA LEU D 172 -27.75 -16.63 -68.81
C LEU D 172 -27.66 -17.10 -67.35
N ASN D 173 -28.17 -18.31 -67.10
CA ASN D 173 -28.10 -18.89 -65.76
C ASN D 173 -26.66 -19.04 -65.25
N ALA D 174 -25.77 -19.48 -66.13
CA ALA D 174 -24.37 -19.66 -65.78
C ALA D 174 -23.68 -18.32 -65.47
N ASN D 175 -23.92 -17.32 -66.33
CA ASN D 175 -23.36 -15.99 -66.13
C ASN D 175 -23.83 -15.33 -64.85
N LYS D 176 -25.13 -15.47 -64.55
CA LYS D 176 -25.67 -14.91 -63.32
C LYS D 176 -25.07 -15.56 -62.09
N LEU D 177 -24.73 -16.85 -62.21
CA LEU D 177 -24.06 -17.56 -61.13
C LEU D 177 -22.67 -17.00 -60.88
N ARG D 178 -21.88 -16.85 -61.95
CA ARG D 178 -20.55 -16.25 -61.86
C ARG D 178 -20.63 -14.84 -61.27
N ASP D 179 -21.61 -14.06 -61.74
CA ASP D 179 -21.79 -12.69 -61.28
C ASP D 179 -21.98 -12.58 -59.77
N VAL D 180 -22.92 -13.34 -59.23
CA VAL D 180 -23.25 -13.22 -57.80
C VAL D 180 -22.18 -13.84 -56.89
N VAL D 181 -21.49 -14.87 -57.37
CA VAL D 181 -20.41 -15.47 -56.59
C VAL D 181 -19.21 -14.52 -56.49
N LEU D 182 -18.88 -13.86 -57.61
CA LEU D 182 -17.80 -12.87 -57.62
C LEU D 182 -18.17 -11.62 -56.80
N MSE D 183 -19.46 -11.30 -56.74
CA MSE D 183 -19.94 -10.20 -55.91
C MSE D 183 -19.64 -10.46 -54.43
O MSE D 183 -19.29 -9.56 -53.68
CB MSE D 183 -21.46 -10.01 -56.08
CG MSE D 183 -21.87 -9.14 -57.25
SE MSE D 183 -23.82 -8.96 -57.37
CE MSE D 183 -24.18 -8.34 -55.56
N GLU D 184 -19.80 -11.73 -54.03
CA GLU D 184 -19.57 -12.12 -52.64
C GLU D 184 -18.08 -12.16 -52.33
N ARG D 185 -17.29 -12.65 -53.28
CA ARG D 185 -15.84 -12.69 -53.11
C ARG D 185 -15.26 -11.28 -53.01
N ARG D 186 -15.76 -10.36 -53.83
CA ARG D 186 -15.30 -8.97 -53.77
C ARG D 186 -15.63 -8.32 -52.42
N LYS D 187 -16.81 -8.65 -51.90
CA LYS D 187 -17.22 -8.13 -50.59
C LYS D 187 -16.28 -8.60 -49.49
N HIS D 188 -15.97 -9.89 -49.49
CA HIS D 188 -15.09 -10.48 -48.48
C HIS D 188 -13.66 -9.97 -48.61
N ALA D 189 -13.19 -9.76 -49.84
CA ALA D 189 -11.85 -9.23 -50.08
C ALA D 189 -11.71 -7.78 -49.62
N THR D 190 -12.74 -6.98 -49.85
CA THR D 190 -12.75 -5.58 -49.42
C THR D 190 -12.71 -5.49 -47.90
N PHE D 191 -13.52 -6.33 -47.24
CA PHE D 191 -13.54 -6.44 -45.78
C PHE D 191 -12.13 -6.72 -45.23
N LEU D 192 -11.48 -7.74 -45.76
CA LEU D 192 -10.13 -8.12 -45.33
C LEU D 192 -9.10 -7.03 -45.62
N SER D 193 -9.21 -6.41 -46.79
CA SER D 193 -8.29 -5.35 -47.18
C SER D 193 -8.38 -4.15 -46.24
N GLN D 194 -9.59 -3.83 -45.81
CA GLN D 194 -9.78 -2.71 -44.88
C GLN D 194 -9.35 -3.08 -43.47
N PHE D 195 -9.61 -4.32 -43.06
CA PHE D 195 -9.22 -4.78 -41.74
C PHE D 195 -7.69 -4.89 -41.62
N ASN D 196 -7.03 -5.19 -42.75
CA ASN D 196 -5.57 -5.29 -42.78
C ASN D 196 -4.85 -4.02 -42.32
N GLN D 197 -5.44 -2.86 -42.59
CA GLN D 197 -4.87 -1.58 -42.17
C GLN D 197 -4.68 -1.56 -40.65
N PHE D 198 -5.66 -2.10 -39.93
CA PHE D 198 -5.57 -2.24 -38.49
C PHE D 198 -4.47 -3.22 -38.09
N LEU D 199 -4.45 -4.36 -38.75
CA LEU D 199 -3.46 -5.41 -38.46
C LEU D 199 -2.04 -4.89 -38.65
N GLU D 200 -1.81 -4.18 -39.75
CA GLU D 200 -0.49 -3.63 -40.04
C GLU D 200 -0.06 -2.60 -39.00
N LYS D 201 -1.02 -1.87 -38.44
CA LYS D 201 -0.72 -0.89 -37.41
C LYS D 201 -0.48 -1.55 -36.06
N GLU D 202 -1.17 -2.66 -35.79
CA GLU D 202 -0.93 -3.43 -34.57
C GLU D 202 0.45 -4.07 -34.57
N ILE D 203 0.87 -4.58 -35.74
CA ILE D 203 2.22 -5.11 -35.90
C ILE D 203 3.26 -4.03 -35.63
N GLU D 204 3.02 -2.82 -36.15
CA GLU D 204 3.90 -1.68 -35.95
C GLU D 204 4.03 -1.31 -34.47
N LEU D 205 2.91 -1.26 -33.76
CA LEU D 205 2.92 -0.97 -32.33
C LEU D 205 3.65 -2.05 -31.55
N SER D 206 3.46 -3.30 -31.94
CA SER D 206 4.12 -4.42 -31.27
C SER D 206 5.64 -4.36 -31.44
N ALA D 207 6.09 -3.96 -32.63
CA ALA D 207 7.52 -3.82 -32.88
C ALA D 207 8.11 -2.66 -32.08
N ASP D 208 7.38 -1.55 -31.97
CA ASP D 208 7.81 -0.42 -31.16
C ASP D 208 7.94 -0.81 -29.69
N THR D 209 6.98 -1.61 -29.22
CA THR D 209 6.97 -2.05 -27.83
C THR D 209 8.17 -2.93 -27.51
N MSE D 210 8.44 -3.90 -28.38
CA MSE D 210 9.59 -4.78 -28.19
C MSE D 210 10.89 -3.99 -28.12
O MSE D 210 11.71 -4.21 -27.23
CB MSE D 210 9.71 -5.80 -29.31
CG MSE D 210 8.56 -6.78 -29.41
SE MSE D 210 9.03 -8.23 -30.63
CE MSE D 210 10.34 -9.13 -29.49
N SER D 211 11.08 -3.08 -29.07
CA SER D 211 12.30 -2.28 -29.13
C SER D 211 12.50 -1.40 -27.90
N LYS D 212 11.52 -0.53 -27.63
CA LYS D 212 11.61 0.40 -26.51
C LYS D 212 11.70 -0.28 -25.15
N PHE D 213 10.80 -1.24 -24.88
CA PHE D 213 10.81 -1.94 -23.59
C PHE D 213 12.07 -2.80 -23.39
N SER D 214 12.61 -3.36 -24.47
CA SER D 214 13.89 -4.06 -24.36
C SER D 214 15.02 -3.12 -23.95
N THR D 215 14.96 -1.87 -24.40
CA THR D 215 15.96 -0.87 -24.00
C THR D 215 15.80 -0.54 -22.53
N ASN D 216 14.55 -0.36 -22.08
CA ASN D 216 14.26 -0.14 -20.67
C ASN D 216 14.74 -1.30 -19.79
N LEU D 217 14.52 -2.52 -20.25
CA LEU D 217 14.96 -3.72 -19.52
C LEU D 217 16.46 -3.71 -19.24
N ASN D 218 17.26 -3.43 -20.26
CA ASN D 218 18.71 -3.39 -20.10
CA ASN D 218 18.71 -3.39 -20.10
C ASN D 218 19.18 -2.25 -19.18
N THR D 219 18.47 -1.12 -19.25
CA THR D 219 18.77 -0.01 -18.34
C THR D 219 18.49 -0.46 -16.91
N HIS D 220 17.37 -1.14 -16.72
CA HIS D 220 16.97 -1.61 -15.38
C HIS D 220 17.93 -2.66 -14.84
N ARG D 221 18.34 -3.60 -15.69
CA ARG D 221 19.28 -4.65 -15.30
C ARG D 221 20.61 -4.06 -14.82
N ASP D 222 21.08 -3.02 -15.50
CA ASP D 222 22.31 -2.36 -15.08
C ASP D 222 22.15 -1.72 -13.71
N LEU D 223 21.03 -1.02 -13.53
CA LEU D 223 20.72 -0.36 -12.25
C LEU D 223 20.58 -1.37 -11.11
N ILE D 224 19.84 -2.44 -11.37
CA ILE D 224 19.66 -3.51 -10.39
C ILE D 224 21.01 -4.14 -10.04
N ASN D 225 21.84 -4.35 -11.06
CA ASN D 225 23.19 -4.89 -10.86
C ASN D 225 24.07 -3.96 -10.02
N SER D 226 23.74 -2.66 -9.99
CA SER D 226 24.58 -1.68 -9.30
C SER D 226 23.98 -1.14 -8.01
N GLN D 227 22.98 -1.85 -7.47
CA GLN D 227 22.26 -1.38 -6.28
C GLN D 227 23.11 -1.33 -5.01
N SER D 228 24.25 -2.01 -5.00
CA SER D 228 25.11 -1.99 -3.82
C SER D 228 26.36 -1.15 -4.05
N GLN D 229 26.41 -0.45 -5.17
CA GLN D 229 27.52 0.44 -5.48
C GLN D 229 27.20 1.88 -5.10
N LEU D 230 27.90 2.42 -4.11
CA LEU D 230 27.78 3.83 -3.75
C LEU D 230 28.16 4.69 -4.95
N PRO D 231 27.36 5.73 -5.24
CA PRO D 231 27.76 6.65 -6.31
C PRO D 231 29.04 7.37 -5.92
N LEU D 232 29.87 7.75 -6.88
CA LEU D 232 31.13 8.42 -6.59
C LEU D 232 30.93 9.73 -5.81
N GLU D 233 29.80 10.39 -6.05
CA GLU D 233 29.52 11.66 -5.38
C GLU D 233 29.40 11.50 -3.87
N MSE D 234 28.97 10.34 -3.42
CA MSE D 234 28.88 10.03 -2.00
C MSE D 234 30.25 9.70 -1.43
O MSE D 234 30.61 10.13 -0.33
CB MSE D 234 27.89 8.89 -1.76
CG MSE D 234 26.46 9.20 -2.18
SE MSE D 234 25.65 10.63 -1.11
CE MSE D 234 25.86 12.13 -2.33
N GLU D 235 31.03 8.94 -2.20
CA GLU D 235 32.37 8.54 -1.79
C GLU D 235 33.30 9.75 -1.67
N SER D 236 33.27 10.62 -2.66
CA SER D 236 34.05 11.86 -2.65
C SER D 236 33.68 12.74 -1.45
N MSE D 237 32.38 12.85 -1.18
CA MSE D 237 31.88 13.61 -0.05
C MSE D 237 32.42 13.13 1.30
O MSE D 237 32.83 13.93 2.15
CB MSE D 237 30.36 13.57 -0.03
CG MSE D 237 29.72 14.03 1.27
SE MSE D 237 27.78 13.91 1.14
CE MSE D 237 27.55 14.88 -0.53
N ILE D 238 32.43 11.81 1.49
CA ILE D 238 32.96 11.19 2.69
C ILE D 238 34.45 11.50 2.84
N SER D 239 35.16 11.46 1.71
CA SER D 239 36.60 11.73 1.69
C SER D 239 36.91 13.15 2.15
N LYS D 240 36.31 14.14 1.49
CA LYS D 240 36.45 15.55 1.87
C LYS D 240 36.12 15.80 3.34
N GLN D 241 35.13 15.09 3.86
CA GLN D 241 34.70 15.28 5.25
C GLN D 241 35.76 14.89 6.27
N GLU D 242 36.28 13.67 6.15
CA GLU D 242 37.34 13.21 7.06
C GLU D 242 38.69 13.81 6.68
N ARG D 243 38.66 14.80 5.79
CA ARG D 243 39.87 15.44 5.29
C ARG D 243 40.03 16.83 5.89
N THR D 244 38.92 17.52 6.13
CA THR D 244 38.93 18.82 6.78
C THR D 244 39.52 18.68 8.19
C1 PEG E . 3.00 2.79 29.82
O1 PEG E . 3.87 1.75 30.08
C2 PEG E . 3.18 3.50 28.53
O2 PEG E . 2.70 4.80 28.41
C3 PEG E . 2.64 5.40 27.16
C4 PEG E . 1.30 5.52 26.52
O4 PEG E . 0.98 4.60 25.52
C1 PEG F . 20.30 4.53 46.01
O1 PEG F . 19.51 5.38 45.28
C2 PEG F . 21.78 4.71 45.95
O2 PEG F . 22.61 3.64 46.24
C3 PEG F . 23.94 3.72 45.87
C4 PEG F . 24.72 4.90 46.35
O4 PEG F . 24.59 5.27 47.67
C1 PEG G . 1.61 5.63 1.58
O1 PEG G . 0.50 4.86 1.86
C2 PEG G . 1.62 7.04 2.05
O2 PEG G . 2.71 7.48 2.77
C3 PEG G . 2.49 8.25 3.90
C4 PEG G . 3.42 9.39 4.15
O4 PEG G . 4.76 9.11 4.34
C ACT H . 6.20 15.79 -3.25
O ACT H . 6.54 14.83 -2.55
OXT ACT H . 7.05 16.72 -3.35
CH3 ACT H . 4.88 15.87 -3.95
C ACT I . 18.69 6.75 -6.66
O ACT I . 19.59 6.63 -7.52
OXT ACT I . 18.66 5.88 -5.76
CH3 ACT I . 17.70 7.87 -6.71
#